data_9BZT
# 
_entry.id   9BZT 
# 
_audit_conform.dict_name       mmcif_pdbx.dic 
_audit_conform.dict_version    5.407 
_audit_conform.dict_location   http://mmcif.pdb.org/dictionaries/ascii/mmcif_pdbx.dic 
# 
loop_
_database_2.database_id 
_database_2.database_code 
_database_2.pdbx_database_accession 
_database_2.pdbx_DOI 
PDB   9BZT         pdb_00009bzt 10.2210/pdb9bzt/pdb 
WWPDB D_1000282889 ?            ?                   
# 
_pdbx_audit_revision_history.ordinal             1 
_pdbx_audit_revision_history.data_content_type   'Structure model' 
_pdbx_audit_revision_history.major_revision      1 
_pdbx_audit_revision_history.minor_revision      0 
_pdbx_audit_revision_history.revision_date       2025-11-26 
_pdbx_audit_revision_history.part_number         ? 
# 
_pdbx_audit_revision_details.ordinal             1 
_pdbx_audit_revision_details.revision_ordinal    1 
_pdbx_audit_revision_details.data_content_type   'Structure model' 
_pdbx_audit_revision_details.provider            repository 
_pdbx_audit_revision_details.type                'Initial release' 
_pdbx_audit_revision_details.description         ? 
_pdbx_audit_revision_details.details             ? 
# 
_pdbx_database_status.status_code                     REL 
_pdbx_database_status.status_code_sf                  REL 
_pdbx_database_status.status_code_mr                  ? 
_pdbx_database_status.entry_id                        9BZT 
_pdbx_database_status.recvd_initial_deposition_date   2024-05-24 
_pdbx_database_status.SG_entry                        N 
_pdbx_database_status.deposit_site                    RCSB 
_pdbx_database_status.process_site                    RCSB 
_pdbx_database_status.status_code_cs                  ? 
_pdbx_database_status.status_code_nmr_data            ? 
_pdbx_database_status.methods_development_category    ? 
_pdbx_database_status.pdb_format_compatible           Y 
# 
_pdbx_contact_author.id                 2 
_pdbx_contact_author.email              andyn@uic.edu 
_pdbx_contact_author.name_first         Andy 
_pdbx_contact_author.name_last          Nguyen 
_pdbx_contact_author.name_mi            I 
_pdbx_contact_author.role               'principal investigator/group leader' 
_pdbx_contact_author.identifier_ORCID   0000-0003-4137-6453 
# 
_audit_author.name               'Heinz-Kunert, S.L.' 
_audit_author.pdbx_ordinal       1 
_audit_author.identifier_ORCID   0009-0002-5884-1294 
# 
_citation.abstract                  ? 
_citation.abstract_id_CAS           ? 
_citation.book_id_ISBN              ? 
_citation.book_publisher            ? 
_citation.book_publisher_city       ? 
_citation.book_title                ? 
_citation.coordinate_linkage        ? 
_citation.country                   ? 
_citation.database_id_Medline       ? 
_citation.details                   ? 
_citation.id                        primary 
_citation.journal_abbrev            'To Be Published' 
_citation.journal_id_ASTM           ? 
_citation.journal_id_CSD            0353 
_citation.journal_id_ISSN           ? 
_citation.journal_full              ? 
_citation.journal_issue             ? 
_citation.journal_volume            ? 
_citation.language                  ? 
_citation.page_first                ? 
_citation.page_last                 ? 
_citation.title                     'Evolvable conformational diversity in assemblies of short peptides' 
_citation.year                      ? 
_citation.database_id_CSD           ? 
_citation.pdbx_database_id_DOI      ? 
_citation.pdbx_database_id_PubMed   ? 
_citation.pdbx_database_id_patent   ? 
_citation.unpublished_flag          ? 
# 
loop_
_citation_author.citation_id 
_citation_author.name 
_citation_author.ordinal 
_citation_author.identifier_ORCID 
primary 'Heinz-Kunert, S.L.' 1 0009-0002-5884-1294 
primary 'Nguyen, A.I.'       2 0000-0003-4137-6453 
# 
loop_
_entity.id 
_entity.type 
_entity.src_method 
_entity.pdbx_description 
_entity.formula_weight 
_entity.pdbx_number_of_molecules 
_entity.pdbx_ec 
_entity.pdbx_mutation 
_entity.pdbx_fragment 
_entity.details 
1 polymer     syn UIC-1                                                   897.114 1 ? ? ? ? 
2 non-polymer syn "5'-(hydrazinecarbonyl)[2,2'-bipyridine]-5-carboxamide" 257.248 1 ? ? ? ? 
3 non-polymer syn BENZENE                                                 78.112  3 ? ? ? ? 
4 non-polymer syn 
;ethyl 5'-formyl[2,2'-bipyridine]-5-carboxylate
;
272.256 1 ? ? ? ? 
5 water       nat water                                                   18.015  1 ? ? ? ? 
# 
_entity_poly.entity_id                      1 
_entity_poly.type                           'polypeptide(L)' 
_entity_poly.nstd_linkage                   no 
_entity_poly.nstd_monomer                   yes 
_entity_poly.pdbx_seq_one_letter_code       'L(AIB)A(AIB)L(AIB)Q(AIB)L' 
_entity_poly.pdbx_seq_one_letter_code_can   LAAALAQAL 
_entity_poly.pdbx_strand_id                 A 
_entity_poly.pdbx_target_identifier         ? 
# 
loop_
_pdbx_entity_nonpoly.entity_id 
_pdbx_entity_nonpoly.name 
_pdbx_entity_nonpoly.comp_id 
2 "5'-(hydrazinecarbonyl)[2,2'-bipyridine]-5-carboxamide" I77 
3 BENZENE                                                 BNZ 
4 
;ethyl 5'-formyl[2,2'-bipyridine]-5-carboxylate
;
I6W 
5 water                                                   HOH 
# 
loop_
_entity_poly_seq.entity_id 
_entity_poly_seq.num 
_entity_poly_seq.mon_id 
_entity_poly_seq.hetero 
1 1 LEU n 
1 2 AIB n 
1 3 ALA n 
1 4 AIB n 
1 5 LEU n 
1 6 AIB n 
1 7 GLN n 
1 8 AIB n 
1 9 LEU n 
# 
_pdbx_entity_src_syn.entity_id              1 
_pdbx_entity_src_syn.pdbx_src_id            1 
_pdbx_entity_src_syn.pdbx_alt_source_flag   sample 
_pdbx_entity_src_syn.pdbx_beg_seq_num       1 
_pdbx_entity_src_syn.pdbx_end_seq_num       9 
_pdbx_entity_src_syn.organism_scientific    'synthetic construct' 
_pdbx_entity_src_syn.organism_common_name   ? 
_pdbx_entity_src_syn.ncbi_taxonomy_id       32630 
_pdbx_entity_src_syn.details                ? 
# 
loop_
_chem_comp.id 
_chem_comp.type 
_chem_comp.mon_nstd_flag 
_chem_comp.name 
_chem_comp.pdbx_synonyms 
_chem_comp.formula 
_chem_comp.formula_weight 
AIB 'L-peptide linking' n 'ALPHA-AMINOISOBUTYRIC ACID'                            ? 'C4 H9 N O2'    103.120 
ALA 'L-peptide linking' y ALANINE                                                 ? 'C3 H7 N O2'    89.093  
BNZ non-polymer         . BENZENE                                                 ? 'C6 H6'         78.112  
GLN 'L-peptide linking' y GLUTAMINE                                               ? 'C5 H10 N2 O3'  146.144 
HOH non-polymer         . WATER                                                   ? 'H2 O'          18.015  
I6W non-polymer         . 
;ethyl 5'-formyl[2,2'-bipyridine]-5-carboxylate
;
? 'C14 H12 N2 O4' 272.256 
I77 non-polymer         . "5'-(hydrazinecarbonyl)[2,2'-bipyridine]-5-carboxamide" ? 'C12 H11 N5 O2' 257.248 
LEU 'L-peptide linking' y LEUCINE                                                 ? 'C6 H13 N O2'   131.173 
# 
loop_
_pdbx_poly_seq_scheme.asym_id 
_pdbx_poly_seq_scheme.entity_id 
_pdbx_poly_seq_scheme.seq_id 
_pdbx_poly_seq_scheme.mon_id 
_pdbx_poly_seq_scheme.ndb_seq_num 
_pdbx_poly_seq_scheme.pdb_seq_num 
_pdbx_poly_seq_scheme.auth_seq_num 
_pdbx_poly_seq_scheme.pdb_mon_id 
_pdbx_poly_seq_scheme.auth_mon_id 
_pdbx_poly_seq_scheme.pdb_strand_id 
_pdbx_poly_seq_scheme.pdb_ins_code 
_pdbx_poly_seq_scheme.hetero 
A 1 1 LEU 1 2  2  LEU LEU A . n 
A 1 2 AIB 2 3  3  AIB AIB A . n 
A 1 3 ALA 3 4  4  ALA ALA A . n 
A 1 4 AIB 4 5  5  AIB AIB A . n 
A 1 5 LEU 5 6  6  LEU LEU A . n 
A 1 6 AIB 6 7  7  AIB AIB A . n 
A 1 7 GLN 7 8  8  GLN GLN A . n 
A 1 8 AIB 8 9  9  AIB AIB A . n 
A 1 9 LEU 9 10 10 LEU LEU A . n 
# 
loop_
_pdbx_entity_instance_feature.ordinal 
_pdbx_entity_instance_feature.comp_id 
_pdbx_entity_instance_feature.asym_id 
_pdbx_entity_instance_feature.seq_num 
_pdbx_entity_instance_feature.auth_comp_id 
_pdbx_entity_instance_feature.auth_asym_id 
_pdbx_entity_instance_feature.auth_seq_num 
_pdbx_entity_instance_feature.feature_type 
_pdbx_entity_instance_feature.details 
1 AIB ? ? AIB ? ? 'SUBJECT OF INVESTIGATION' ? 
2 I6W ? ? I6W ? ? 'SUBJECT OF INVESTIGATION' ? 
3 I77 ? ? I77 ? ? 'SUBJECT OF INVESTIGATION' ? 
4 BNZ ? ? BNZ ? ? 'SUBJECT OF INVESTIGATION' ? 
# 
loop_
_pdbx_nonpoly_scheme.asym_id 
_pdbx_nonpoly_scheme.entity_id 
_pdbx_nonpoly_scheme.mon_id 
_pdbx_nonpoly_scheme.ndb_seq_num 
_pdbx_nonpoly_scheme.pdb_seq_num 
_pdbx_nonpoly_scheme.auth_seq_num 
_pdbx_nonpoly_scheme.pdb_mon_id 
_pdbx_nonpoly_scheme.auth_mon_id 
_pdbx_nonpoly_scheme.pdb_strand_id 
_pdbx_nonpoly_scheme.pdb_ins_code 
B 2 I77 1 101 11 I77 BPH A . 
C 3 BNZ 1 102 1  BNZ BNZ A . 
D 3 BNZ 1 103 2  BNZ BNZ A . 
E 3 BNZ 1 104 3  BNZ BNZ A . 
F 4 I6W 1 105 1  I6W BPE A . 
G 5 HOH 1 201 1  HOH HOH A . 
# 
loop_
_software.citation_id 
_software.classification 
_software.compiler_name 
_software.compiler_version 
_software.contact_author 
_software.contact_author_email 
_software.date 
_software.description 
_software.dependencies 
_software.hardware 
_software.language 
_software.location 
_software.mods 
_software.name 
_software.os 
_software.os_version 
_software.type 
_software.version 
_software.pdbx_ordinal 
? refinement       ? ? ? ? ? ? ? ? ? ? ? PHENIX ? ? ? 1.20.1_4487 1 
? 'data reduction' ? ? ? ? ? ? ? ? ? ? ? XDS    ? ? ? .           2 
? 'data scaling'   ? ? ? ? ? ? ? ? ? ? ? XDS    ? ? ? .           3 
? phasing          ? ? ? ? ? ? ? ? ? ? ? PHASER ? ? ? .           4 
# 
_cell.angle_alpha                  90.000 
_cell.angle_alpha_esd              ? 
_cell.angle_beta                   98.830 
_cell.angle_beta_esd               ? 
_cell.angle_gamma                  90.000 
_cell.angle_gamma_esd              ? 
_cell.entry_id                     9BZT 
_cell.details                      ? 
_cell.formula_units_Z              ? 
_cell.length_a                     14.128 
_cell.length_a_esd                 ? 
_cell.length_b                     13.313 
_cell.length_b_esd                 ? 
_cell.length_c                     27.459 
_cell.length_c_esd                 ? 
_cell.volume                       5103.444 
_cell.volume_esd                   ? 
_cell.Z_PDB                        2 
_cell.reciprocal_angle_alpha       ? 
_cell.reciprocal_angle_beta        ? 
_cell.reciprocal_angle_gamma       ? 
_cell.reciprocal_angle_alpha_esd   ? 
_cell.reciprocal_angle_beta_esd    ? 
_cell.reciprocal_angle_gamma_esd   ? 
_cell.reciprocal_length_a          ? 
_cell.reciprocal_length_b          ? 
_cell.reciprocal_length_c          ? 
_cell.reciprocal_length_a_esd      ? 
_cell.reciprocal_length_b_esd      ? 
_cell.reciprocal_length_c_esd      ? 
_cell.pdbx_unique_axis             ? 
_cell.pdbx_esd_method              ? 
# 
_symmetry.entry_id                         9BZT 
_symmetry.cell_setting                     ? 
_symmetry.Int_Tables_number                4 
_symmetry.space_group_name_Hall            'P 2yb' 
_symmetry.space_group_name_H-M             'P 1 21 1' 
_symmetry.pdbx_full_space_group_name_H-M   ? 
# 
_exptl.absorpt_coefficient_mu     ? 
_exptl.absorpt_correction_T_max   ? 
_exptl.absorpt_correction_T_min   ? 
_exptl.absorpt_correction_type    ? 
_exptl.absorpt_process_details    ? 
_exptl.entry_id                   9BZT 
_exptl.crystals_number            1 
_exptl.details                    ? 
_exptl.method                     'X-RAY DIFFRACTION' 
_exptl.method_details             ? 
# 
_exptl_crystal.colour                       ? 
_exptl_crystal.density_diffrn               ? 
_exptl_crystal.density_Matthews             1.56 
_exptl_crystal.density_method               ? 
_exptl_crystal.density_percent_sol          21.26 
_exptl_crystal.description                  ? 
_exptl_crystal.F_000                        ? 
_exptl_crystal.id                           1 
_exptl_crystal.preparation                  ? 
_exptl_crystal.size_max                     ? 
_exptl_crystal.size_mid                     ? 
_exptl_crystal.size_min                     ? 
_exptl_crystal.size_rad                     ? 
_exptl_crystal.colour_lustre                ? 
_exptl_crystal.colour_modifier              ? 
_exptl_crystal.colour_primary               ? 
_exptl_crystal.density_meas                 ? 
_exptl_crystal.density_meas_esd             ? 
_exptl_crystal.density_meas_gt              ? 
_exptl_crystal.density_meas_lt              ? 
_exptl_crystal.density_meas_temp            ? 
_exptl_crystal.density_meas_temp_esd        ? 
_exptl_crystal.density_meas_temp_gt         ? 
_exptl_crystal.density_meas_temp_lt         ? 
_exptl_crystal.pdbx_crystal_image_url       ? 
_exptl_crystal.pdbx_crystal_image_format    ? 
_exptl_crystal.pdbx_mosaicity               ? 
_exptl_crystal.pdbx_mosaicity_esd           ? 
_exptl_crystal.pdbx_mosaic_method           ? 
_exptl_crystal.pdbx_mosaic_block_size       ? 
_exptl_crystal.pdbx_mosaic_block_size_esd   ? 
# 
_exptl_crystal_grow.apparatus       ? 
_exptl_crystal_grow.atmosphere      ? 
_exptl_crystal_grow.crystal_id      1 
_exptl_crystal_grow.details         ? 
_exptl_crystal_grow.method          'SLOW COOLING' 
_exptl_crystal_grow.method_ref      ? 
_exptl_crystal_grow.pH              ? 
_exptl_crystal_grow.pressure        ? 
_exptl_crystal_grow.pressure_esd    ? 
_exptl_crystal_grow.seeding         ? 
_exptl_crystal_grow.seeding_ref     ? 
_exptl_crystal_grow.temp_details    ? 
_exptl_crystal_grow.temp_esd        ? 
_exptl_crystal_grow.time            ? 
_exptl_crystal_grow.pdbx_details    'water and acetonitrile' 
_exptl_crystal_grow.pdbx_pH_range   ? 
_exptl_crystal_grow.temp            298 
# 
_diffrn.ambient_environment              ? 
_diffrn.ambient_temp                     100 
_diffrn.ambient_temp_details             ? 
_diffrn.ambient_temp_esd                 ? 
_diffrn.crystal_id                       1 
_diffrn.crystal_support                  ? 
_diffrn.crystal_treatment                ? 
_diffrn.details                          ? 
_diffrn.id                               1 
_diffrn.ambient_pressure                 ? 
_diffrn.ambient_pressure_esd             ? 
_diffrn.ambient_pressure_gt              ? 
_diffrn.ambient_pressure_lt              ? 
_diffrn.ambient_temp_gt                  ? 
_diffrn.ambient_temp_lt                  ? 
_diffrn.pdbx_serial_crystal_experiment   N 
# 
_diffrn_detector.details                      ? 
_diffrn_detector.detector                     PIXEL 
_diffrn_detector.diffrn_id                    1 
_diffrn_detector.type                         'DECTRIS EIGER X 9M' 
_diffrn_detector.area_resol_mean              ? 
_diffrn_detector.dtime                        ? 
_diffrn_detector.pdbx_frames_total            ? 
_diffrn_detector.pdbx_collection_time_total   ? 
_diffrn_detector.pdbx_collection_date         2022-09-25 
_diffrn_detector.pdbx_frequency               ? 
_diffrn_detector.id                           ? 
_diffrn_detector.number_of_axes               ? 
# 
_diffrn_radiation.collimation                      ? 
_diffrn_radiation.diffrn_id                        1 
_diffrn_radiation.filter_edge                      ? 
_diffrn_radiation.inhomogeneity                    ? 
_diffrn_radiation.monochromator                    ? 
_diffrn_radiation.polarisn_norm                    ? 
_diffrn_radiation.polarisn_ratio                   ? 
_diffrn_radiation.probe                            ? 
_diffrn_radiation.type                             ? 
_diffrn_radiation.xray_symbol                      ? 
_diffrn_radiation.wavelength_id                    1 
_diffrn_radiation.pdbx_monochromatic_or_laue_m_l   M 
_diffrn_radiation.pdbx_wavelength_list             ? 
_diffrn_radiation.pdbx_wavelength                  ? 
_diffrn_radiation.pdbx_diffrn_protocol             'SINGLE WAVELENGTH' 
_diffrn_radiation.pdbx_analyzer                    ? 
_diffrn_radiation.pdbx_scattering_type             x-ray 
# 
_diffrn_radiation_wavelength.id           1 
_diffrn_radiation_wavelength.wavelength   0.688839 
_diffrn_radiation_wavelength.wt           1.0 
# 
_diffrn_source.current                     ? 
_diffrn_source.details                     ? 
_diffrn_source.diffrn_id                   1 
_diffrn_source.power                       ? 
_diffrn_source.size                        ? 
_diffrn_source.source                      SYNCHROTRON 
_diffrn_source.target                      ? 
_diffrn_source.type                        'APS BEAMLINE 21-ID-D' 
_diffrn_source.voltage                     ? 
_diffrn_source.take-off_angle              ? 
_diffrn_source.pdbx_wavelength_list        0.688839 
_diffrn_source.pdbx_wavelength             ? 
_diffrn_source.pdbx_synchrotron_beamline   21-ID-D 
_diffrn_source.pdbx_synchrotron_site       APS 
# 
_reflns.B_iso_Wilson_estimate                          4.81 
_reflns.entry_id                                       9BZT 
_reflns.data_reduction_details                         ? 
_reflns.data_reduction_method                          ? 
_reflns.d_resolution_high                              0.82 
_reflns.d_resolution_low                               13.27 
_reflns.details                                        ? 
_reflns.limit_h_max                                    ? 
_reflns.limit_h_min                                    ? 
_reflns.limit_k_max                                    ? 
_reflns.limit_k_min                                    ? 
_reflns.limit_l_max                                    ? 
_reflns.limit_l_min                                    ? 
_reflns.number_all                                     ? 
_reflns.number_obs                                     9542 
_reflns.observed_criterion                             ? 
_reflns.observed_criterion_F_max                       ? 
_reflns.observed_criterion_F_min                       ? 
_reflns.observed_criterion_I_max                       ? 
_reflns.observed_criterion_I_min                       ? 
_reflns.observed_criterion_sigma_F                     ? 
_reflns.observed_criterion_sigma_I                     ? 
_reflns.percent_possible_obs                           94.04 
_reflns.R_free_details                                 ? 
_reflns.Rmerge_F_all                                   ? 
_reflns.Rmerge_F_obs                                   ? 
_reflns.Friedel_coverage                               ? 
_reflns.number_gt                                      ? 
_reflns.threshold_expression                           ? 
_reflns.pdbx_redundancy                                5.7 
_reflns.pdbx_netI_over_av_sigmaI                       ? 
_reflns.pdbx_netI_over_sigmaI                          9.54 
_reflns.pdbx_res_netI_over_av_sigmaI_2                 ? 
_reflns.pdbx_res_netI_over_sigmaI_2                    ? 
_reflns.pdbx_chi_squared                               ? 
_reflns.pdbx_scaling_rejects                           ? 
_reflns.pdbx_d_res_high_opt                            ? 
_reflns.pdbx_d_res_low_opt                             ? 
_reflns.pdbx_d_res_opt_method                          ? 
_reflns.phase_calculation_details                      ? 
_reflns.pdbx_Rrim_I_all                                ? 
_reflns.pdbx_Rpim_I_all                                ? 
_reflns.pdbx_d_opt                                     ? 
_reflns.pdbx_number_measured_all                       ? 
_reflns.pdbx_diffrn_id                                 1 
_reflns.pdbx_ordinal                                   1 
_reflns.pdbx_CC_half                                   0.88 
_reflns.pdbx_CC_star                                   ? 
_reflns.pdbx_R_split                                   ? 
_reflns.pdbx_Rmerge_I_obs                              ? 
_reflns.pdbx_Rmerge_I_all                              ? 
_reflns.pdbx_Rsym_value                                ? 
_reflns.pdbx_CC_split_method                           ? 
_reflns.pdbx_aniso_diffraction_limit_axis_1_ortho[1]   ? 
_reflns.pdbx_aniso_diffraction_limit_axis_1_ortho[2]   ? 
_reflns.pdbx_aniso_diffraction_limit_axis_1_ortho[3]   ? 
_reflns.pdbx_aniso_diffraction_limit_axis_2_ortho[1]   ? 
_reflns.pdbx_aniso_diffraction_limit_axis_2_ortho[2]   ? 
_reflns.pdbx_aniso_diffraction_limit_axis_2_ortho[3]   ? 
_reflns.pdbx_aniso_diffraction_limit_axis_3_ortho[1]   ? 
_reflns.pdbx_aniso_diffraction_limit_axis_3_ortho[2]   ? 
_reflns.pdbx_aniso_diffraction_limit_axis_3_ortho[3]   ? 
_reflns.pdbx_aniso_diffraction_limit_1                 ? 
_reflns.pdbx_aniso_diffraction_limit_2                 ? 
_reflns.pdbx_aniso_diffraction_limit_3                 ? 
_reflns.pdbx_aniso_B_tensor_eigenvector_1_ortho[1]     ? 
_reflns.pdbx_aniso_B_tensor_eigenvector_1_ortho[2]     ? 
_reflns.pdbx_aniso_B_tensor_eigenvector_1_ortho[3]     ? 
_reflns.pdbx_aniso_B_tensor_eigenvector_2_ortho[1]     ? 
_reflns.pdbx_aniso_B_tensor_eigenvector_2_ortho[2]     ? 
_reflns.pdbx_aniso_B_tensor_eigenvector_2_ortho[3]     ? 
_reflns.pdbx_aniso_B_tensor_eigenvector_3_ortho[1]     ? 
_reflns.pdbx_aniso_B_tensor_eigenvector_3_ortho[2]     ? 
_reflns.pdbx_aniso_B_tensor_eigenvector_3_ortho[3]     ? 
_reflns.pdbx_aniso_B_tensor_eigenvalue_1               ? 
_reflns.pdbx_aniso_B_tensor_eigenvalue_2               ? 
_reflns.pdbx_aniso_B_tensor_eigenvalue_3               ? 
_reflns.pdbx_orthogonalization_convention              ? 
_reflns.pdbx_percent_possible_ellipsoidal              ? 
_reflns.pdbx_percent_possible_spherical                ? 
_reflns.pdbx_percent_possible_ellipsoidal_anomalous    ? 
_reflns.pdbx_percent_possible_spherical_anomalous      ? 
_reflns.pdbx_redundancy_anomalous                      ? 
_reflns.pdbx_CC_half_anomalous                         ? 
_reflns.pdbx_absDiff_over_sigma_anomalous              ? 
_reflns.pdbx_percent_possible_anomalous                ? 
_reflns.pdbx_observed_signal_threshold                 ? 
_reflns.pdbx_signal_type                               ? 
_reflns.pdbx_signal_details                            ? 
_reflns.pdbx_signal_software_id                        ? 
# 
_reflns_shell.d_res_high                                    0.82 
_reflns_shell.d_res_low                                     0.8494 
_reflns_shell.meanI_over_sigI_all                           ? 
_reflns_shell.meanI_over_sigI_obs                           ? 
_reflns_shell.number_measured_all                           ? 
_reflns_shell.number_measured_obs                           ? 
_reflns_shell.number_possible                               ? 
_reflns_shell.number_unique_all                             ? 
_reflns_shell.number_unique_obs                             5914 
_reflns_shell.percent_possible_obs                          ? 
_reflns_shell.Rmerge_F_all                                  ? 
_reflns_shell.Rmerge_F_obs                                  ? 
_reflns_shell.meanI_over_sigI_gt                            ? 
_reflns_shell.meanI_over_uI_all                             ? 
_reflns_shell.meanI_over_uI_gt                              ? 
_reflns_shell.number_measured_gt                            ? 
_reflns_shell.number_unique_gt                              ? 
_reflns_shell.percent_possible_gt                           ? 
_reflns_shell.Rmerge_F_gt                                   ? 
_reflns_shell.Rmerge_I_gt                                   ? 
_reflns_shell.pdbx_redundancy                               ? 
_reflns_shell.pdbx_chi_squared                              ? 
_reflns_shell.pdbx_netI_over_sigmaI_all                     ? 
_reflns_shell.pdbx_netI_over_sigmaI_obs                     ? 
_reflns_shell.pdbx_Rrim_I_all                               ? 
_reflns_shell.pdbx_Rpim_I_all                               ? 
_reflns_shell.pdbx_rejects                                  ? 
_reflns_shell.pdbx_ordinal                                  1 
_reflns_shell.pdbx_diffrn_id                                1 
_reflns_shell.pdbx_CC_half                                  .893 
_reflns_shell.pdbx_CC_star                                  ? 
_reflns_shell.pdbx_R_split                                  ? 
_reflns_shell.percent_possible_all                          ? 
_reflns_shell.Rmerge_I_all                                  ? 
_reflns_shell.Rmerge_I_obs                                  ? 
_reflns_shell.pdbx_Rsym_value                               ? 
_reflns_shell.pdbx_percent_possible_ellipsoidal             ? 
_reflns_shell.pdbx_percent_possible_spherical               ? 
_reflns_shell.pdbx_percent_possible_ellipsoidal_anomalous   ? 
_reflns_shell.pdbx_percent_possible_spherical_anomalous     ? 
_reflns_shell.pdbx_redundancy_anomalous                     ? 
_reflns_shell.pdbx_CC_half_anomalous                        ? 
_reflns_shell.pdbx_absDiff_over_sigma_anomalous             ? 
_reflns_shell.pdbx_percent_possible_anomalous               ? 
# 
_refine.aniso_B[1][1]                            ? 
_refine.aniso_B[1][2]                            ? 
_refine.aniso_B[1][3]                            ? 
_refine.aniso_B[2][2]                            ? 
_refine.aniso_B[2][3]                            ? 
_refine.aniso_B[3][3]                            ? 
_refine.B_iso_max                                ? 
_refine.B_iso_mean                               6.42 
_refine.B_iso_min                                ? 
_refine.correlation_coeff_Fo_to_Fc               ? 
_refine.correlation_coeff_Fo_to_Fc_free          ? 
_refine.details                                  ? 
_refine.diff_density_max                         ? 
_refine.diff_density_max_esd                     ? 
_refine.diff_density_min                         ? 
_refine.diff_density_min_esd                     ? 
_refine.diff_density_rms                         ? 
_refine.diff_density_rms_esd                     ? 
_refine.entry_id                                 9BZT 
_refine.pdbx_refine_id                           'X-RAY DIFFRACTION' 
_refine.ls_abs_structure_details                 ? 
_refine.ls_abs_structure_Flack                   ? 
_refine.ls_abs_structure_Flack_esd               ? 
_refine.ls_abs_structure_Rogers                  ? 
_refine.ls_abs_structure_Rogers_esd              ? 
_refine.ls_d_res_high                            0.82 
_refine.ls_d_res_low                             13.27 
_refine.ls_extinction_coef                       ? 
_refine.ls_extinction_coef_esd                   ? 
_refine.ls_extinction_expression                 ? 
_refine.ls_extinction_method                     ? 
_refine.ls_goodness_of_fit_all                   ? 
_refine.ls_goodness_of_fit_all_esd               ? 
_refine.ls_goodness_of_fit_obs                   ? 
_refine.ls_goodness_of_fit_obs_esd               ? 
_refine.ls_hydrogen_treatment                    ? 
_refine.ls_matrix_type                           ? 
_refine.ls_number_constraints                    ? 
_refine.ls_number_parameters                     ? 
_refine.ls_number_reflns_all                     ? 
_refine.ls_number_reflns_obs                     17685 
_refine.ls_number_reflns_R_free                  1759 
_refine.ls_number_reflns_R_work                  15926 
_refine.ls_number_restraints                     ? 
_refine.ls_percent_reflns_obs                    91.27 
_refine.ls_percent_reflns_R_free                 9.95 
_refine.ls_R_factor_all                          ? 
_refine.ls_R_factor_obs                          0.1613 
_refine.ls_R_factor_R_free                       0.1731 
_refine.ls_R_factor_R_free_error                 ? 
_refine.ls_R_factor_R_free_error_details         ? 
_refine.ls_R_factor_R_work                       0.1600 
_refine.ls_R_Fsqd_factor_obs                     ? 
_refine.ls_R_I_factor_obs                        ? 
_refine.ls_redundancy_reflns_all                 ? 
_refine.ls_redundancy_reflns_obs                 ? 
_refine.ls_restrained_S_all                      ? 
_refine.ls_restrained_S_obs                      ? 
_refine.ls_shift_over_esd_max                    ? 
_refine.ls_shift_over_esd_mean                   ? 
_refine.ls_structure_factor_coef                 ? 
_refine.ls_weighting_details                     ? 
_refine.ls_weighting_scheme                      ? 
_refine.ls_wR_factor_all                         ? 
_refine.ls_wR_factor_obs                         ? 
_refine.ls_wR_factor_R_free                      ? 
_refine.ls_wR_factor_R_work                      ? 
_refine.occupancy_max                            ? 
_refine.occupancy_min                            ? 
_refine.solvent_model_details                    'FLAT BULK SOLVENT MODEL' 
_refine.solvent_model_param_bsol                 ? 
_refine.solvent_model_param_ksol                 ? 
_refine.pdbx_R_complete                          ? 
_refine.ls_R_factor_gt                           ? 
_refine.ls_goodness_of_fit_gt                    ? 
_refine.ls_goodness_of_fit_ref                   ? 
_refine.ls_shift_over_su_max                     ? 
_refine.ls_shift_over_su_max_lt                  ? 
_refine.ls_shift_over_su_mean                    ? 
_refine.ls_shift_over_su_mean_lt                 ? 
_refine.pdbx_ls_sigma_I                          ? 
_refine.pdbx_ls_sigma_F                          1.34 
_refine.pdbx_ls_sigma_Fsqd                       ? 
_refine.pdbx_data_cutoff_high_absF               ? 
_refine.pdbx_data_cutoff_high_rms_absF           ? 
_refine.pdbx_data_cutoff_low_absF                ? 
_refine.pdbx_isotropic_thermal_model             ? 
_refine.pdbx_ls_cross_valid_method               'FREE R-VALUE' 
_refine.pdbx_method_to_determine_struct          'MOLECULAR REPLACEMENT' 
_refine.pdbx_starting_model                      ? 
_refine.pdbx_stereochemistry_target_values       'GeoStd + Monomer Library + CDL v1.2' 
_refine.pdbx_R_Free_selection_details            ? 
_refine.pdbx_stereochem_target_val_spec_case     ? 
_refine.pdbx_overall_ESU_R                       ? 
_refine.pdbx_overall_ESU_R_Free                  ? 
_refine.pdbx_solvent_vdw_probe_radii             1.1000 
_refine.pdbx_solvent_ion_probe_radii             ? 
_refine.pdbx_solvent_shrinkage_radii             0.9000 
_refine.pdbx_real_space_R                        ? 
_refine.pdbx_density_correlation                 ? 
_refine.pdbx_pd_number_of_powder_patterns        ? 
_refine.pdbx_pd_number_of_points                 ? 
_refine.pdbx_pd_meas_number_of_points            ? 
_refine.pdbx_pd_proc_ls_prof_R_factor            ? 
_refine.pdbx_pd_proc_ls_prof_wR_factor           ? 
_refine.pdbx_pd_Marquardt_correlation_coeff      ? 
_refine.pdbx_pd_Fsqrd_R_factor                   ? 
_refine.pdbx_pd_ls_matrix_band_width             ? 
_refine.pdbx_overall_phase_error                 18.2308 
_refine.pdbx_overall_SU_R_free_Cruickshank_DPI   ? 
_refine.pdbx_overall_SU_R_free_Blow_DPI          ? 
_refine.pdbx_overall_SU_R_Blow_DPI               ? 
_refine.pdbx_TLS_residual_ADP_flag               ? 
_refine.pdbx_diffrn_id                           1 
_refine.overall_SU_B                             ? 
_refine.overall_SU_ML                            0.0611 
_refine.overall_SU_R_Cruickshank_DPI             ? 
_refine.overall_SU_R_free                        ? 
_refine.overall_FOM_free_R_set                   ? 
_refine.overall_FOM_work_R_set                   ? 
_refine.pdbx_average_fsc_overall                 ? 
_refine.pdbx_average_fsc_work                    ? 
_refine.pdbx_average_fsc_free                    ? 
# 
_refine_hist.pdbx_refine_id                   'X-RAY DIFFRACTION' 
_refine_hist.cycle_id                         LAST 
_refine_hist.details                          ? 
_refine_hist.d_res_high                       0.82 
_refine_hist.d_res_low                        13.27 
_refine_hist.number_atoms_solvent             1 
_refine_hist.number_atoms_total               119 
_refine_hist.number_reflns_all                ? 
_refine_hist.number_reflns_obs                ? 
_refine_hist.number_reflns_R_free             ? 
_refine_hist.number_reflns_R_work             ? 
_refine_hist.R_factor_all                     ? 
_refine_hist.R_factor_obs                     ? 
_refine_hist.R_factor_R_free                  ? 
_refine_hist.R_factor_R_work                  ? 
_refine_hist.pdbx_number_residues_total       ? 
_refine_hist.pdbx_B_iso_mean_ligand           ? 
_refine_hist.pdbx_B_iso_mean_solvent          ? 
_refine_hist.pdbx_number_atoms_protein        81 
_refine_hist.pdbx_number_atoms_nucleic_acid   0 
_refine_hist.pdbx_number_atoms_ligand         37 
_refine_hist.pdbx_number_atoms_lipid          ? 
_refine_hist.pdbx_number_atoms_carb           ? 
_refine_hist.pdbx_pseudo_atom_details         ? 
# 
loop_
_refine_ls_restr.pdbx_refine_id 
_refine_ls_restr.criterion 
_refine_ls_restr.dev_ideal 
_refine_ls_restr.dev_ideal_target 
_refine_ls_restr.number 
_refine_ls_restr.rejects 
_refine_ls_restr.type 
_refine_ls_restr.weight 
_refine_ls_restr.pdbx_restraint_function 
'X-RAY DIFFRACTION' ? 0.0110  ? 141 ? f_bond_d           ? ? 
'X-RAY DIFFRACTION' ? 2.0519  ? 188 ? f_angle_d          ? ? 
'X-RAY DIFFRACTION' ? 0.0539  ? 12  ? f_chiral_restr     ? ? 
'X-RAY DIFFRACTION' ? 0.0082  ? 22  ? f_plane_restr      ? ? 
'X-RAY DIFFRACTION' ? 34.7585 ? 21  ? f_dihedral_angle_d ? ? 
# 
loop_
_refine_ls_shell.pdbx_refine_id 
_refine_ls_shell.d_res_high 
_refine_ls_shell.d_res_low 
_refine_ls_shell.number_reflns_all 
_refine_ls_shell.number_reflns_obs 
_refine_ls_shell.number_reflns_R_free 
_refine_ls_shell.number_reflns_R_work 
_refine_ls_shell.percent_reflns_obs 
_refine_ls_shell.percent_reflns_R_free 
_refine_ls_shell.R_factor_all 
_refine_ls_shell.R_factor_obs 
_refine_ls_shell.R_factor_R_free_error 
_refine_ls_shell.R_factor_R_work 
_refine_ls_shell.redundancy_reflns_all 
_refine_ls_shell.redundancy_reflns_obs 
_refine_ls_shell.wR_factor_all 
_refine_ls_shell.wR_factor_obs 
_refine_ls_shell.wR_factor_R_free 
_refine_ls_shell.wR_factor_R_work 
_refine_ls_shell.pdbx_R_complete 
_refine_ls_shell.pdbx_total_number_of_bins_used 
_refine_ls_shell.pdbx_phase_error 
_refine_ls_shell.pdbx_fsc_work 
_refine_ls_shell.pdbx_fsc_free 
_refine_ls_shell.R_factor_R_free 
'X-RAY DIFFRACTION' 0.82 0.84  . . 149 1325 97.49 . . . . 0.1896 . . . . . . . . . . . 0.2212 
'X-RAY DIFFRACTION' 0.84 0.87  . . 138 1278 96.66 . . . . 0.1772 . . . . . . . . . . . 0.2026 
'X-RAY DIFFRACTION' 0.87 0.90  . . 142 1298 96.84 . . . . 0.1651 . . . . . . . . . . . 0.1938 
'X-RAY DIFFRACTION' 0.90 0.93  . . 147 1304 97.78 . . . . 0.1644 . . . . . . . . . . . 0.1688 
'X-RAY DIFFRACTION' 0.93 0.96  . . 147 1331 97.49 . . . . 0.1544 . . . . . . . . . . . 0.1345 
'X-RAY DIFFRACTION' 0.96 1.01  . . 143 1253 92.76 . . . . 0.1421 . . . . . . . . . . . 0.1617 
'X-RAY DIFFRACTION' 1.01 1.06  . . 128 1172 88.92 . . . . 0.1264 . . . . . . . . . . . 0.1426 
'X-RAY DIFFRACTION' 1.06 1.13  . . 146 1294 97.10 . . . . 0.1211 . . . . . . . . . . . 0.1601 
'X-RAY DIFFRACTION' 1.13 1.21  . . 141 1326 96.64 . . . . 0.1270 . . . . . . . . . . . 0.1320 
'X-RAY DIFFRACTION' 1.21 1.34  . . 140 1247 95.59 . . . . 0.1387 . . . . . . . . . . . 0.1352 
'X-RAY DIFFRACTION' 1.34 1.53  . . 136 1257 92.68 . . . . 0.1483 . . . . . . . . . . . 0.1418 
'X-RAY DIFFRACTION' 1.53 1.85  . . 94  876  74.22 . . . . 0.1599 . . . . . . . . . . . 0.1643 
'X-RAY DIFFRACTION' 1.98 13.27 . . 108 965  77.81 . . . . 0.2069 . . . . . . . . . . . 0.2379 
# 
_struct.entry_id                     9BZT 
_struct.title                        'UIC-1 bound to benzene' 
_struct.pdbx_model_details           ? 
_struct.pdbx_formula_weight          ? 
_struct.pdbx_formula_weight_method   ? 
_struct.pdbx_model_type_details      ? 
_struct.pdbx_CASP_flag               N 
# 
_struct_keywords.entry_id        9BZT 
_struct_keywords.text            'synthetic construct, DE NOVO PROTEIN' 
_struct_keywords.pdbx_keywords   'DE NOVO PROTEIN' 
# 
loop_
_struct_asym.id 
_struct_asym.pdbx_blank_PDB_chainid_flag 
_struct_asym.pdbx_modified 
_struct_asym.entity_id 
_struct_asym.details 
A N N 1 ? 
B N N 2 ? 
C N N 3 ? 
D N N 3 ? 
E N N 3 ? 
F N N 4 ? 
G N N 5 ? 
# 
_struct_ref.id                         1 
_struct_ref.db_name                    PDB 
_struct_ref.db_code                    9BZT 
_struct_ref.pdbx_db_accession          9BZT 
_struct_ref.pdbx_db_isoform            ? 
_struct_ref.entity_id                  1 
_struct_ref.pdbx_seq_one_letter_code   ? 
_struct_ref.pdbx_align_begin           1 
# 
_struct_ref_seq.align_id                      1 
_struct_ref_seq.ref_id                        1 
_struct_ref_seq.pdbx_PDB_id_code              9BZT 
_struct_ref_seq.pdbx_strand_id                A 
_struct_ref_seq.seq_align_beg                 1 
_struct_ref_seq.pdbx_seq_align_beg_ins_code   ? 
_struct_ref_seq.seq_align_end                 9 
_struct_ref_seq.pdbx_seq_align_end_ins_code   ? 
_struct_ref_seq.pdbx_db_accession             9BZT 
_struct_ref_seq.db_align_beg                  2 
_struct_ref_seq.pdbx_db_align_beg_ins_code    ? 
_struct_ref_seq.db_align_end                  10 
_struct_ref_seq.pdbx_db_align_end_ins_code    ? 
_struct_ref_seq.pdbx_auth_seq_align_beg       2 
_struct_ref_seq.pdbx_auth_seq_align_end       10 
# 
_pdbx_struct_assembly.id                   1 
_pdbx_struct_assembly.details              author_defined_assembly 
_pdbx_struct_assembly.method_details       ? 
_pdbx_struct_assembly.oligomeric_details   monomeric 
_pdbx_struct_assembly.oligomeric_count     1 
# 
_pdbx_struct_assembly_gen.assembly_id       1 
_pdbx_struct_assembly_gen.oper_expression   1 
_pdbx_struct_assembly_gen.asym_id_list      A,B,C,D,E,F,G 
# 
_pdbx_struct_oper_list.id                   1 
_pdbx_struct_oper_list.type                 'identity operation' 
_pdbx_struct_oper_list.name                 1_555 
_pdbx_struct_oper_list.symmetry_operation   x,y,z 
_pdbx_struct_oper_list.matrix[1][1]         1.0000000000 
_pdbx_struct_oper_list.matrix[1][2]         0.0000000000 
_pdbx_struct_oper_list.matrix[1][3]         0.0000000000 
_pdbx_struct_oper_list.vector[1]            0.0000000000 
_pdbx_struct_oper_list.matrix[2][1]         0.0000000000 
_pdbx_struct_oper_list.matrix[2][2]         1.0000000000 
_pdbx_struct_oper_list.matrix[2][3]         0.0000000000 
_pdbx_struct_oper_list.vector[2]            0.0000000000 
_pdbx_struct_oper_list.matrix[3][1]         0.0000000000 
_pdbx_struct_oper_list.matrix[3][2]         0.0000000000 
_pdbx_struct_oper_list.matrix[3][3]         1.0000000000 
_pdbx_struct_oper_list.vector[3]            0.0000000000 
# 
_struct_conf.conf_type_id            HELX_P 
_struct_conf.id                      HELX_P1 
_struct_conf.pdbx_PDB_helix_id       AA1 
_struct_conf.beg_label_comp_id       LEU 
_struct_conf.beg_label_asym_id       A 
_struct_conf.beg_label_seq_id        1 
_struct_conf.pdbx_beg_PDB_ins_code   ? 
_struct_conf.end_label_comp_id       GLN 
_struct_conf.end_label_asym_id       A 
_struct_conf.end_label_seq_id        7 
_struct_conf.pdbx_end_PDB_ins_code   ? 
_struct_conf.beg_auth_comp_id        LEU 
_struct_conf.beg_auth_asym_id        A 
_struct_conf.beg_auth_seq_id         2 
_struct_conf.end_auth_comp_id        GLN 
_struct_conf.end_auth_asym_id        A 
_struct_conf.end_auth_seq_id         8 
_struct_conf.pdbx_PDB_helix_class    1 
_struct_conf.details                 ? 
_struct_conf.pdbx_PDB_helix_length   7 
# 
_struct_conf_type.id          HELX_P 
_struct_conf_type.criteria    ? 
_struct_conf_type.reference   ? 
# 
loop_
_struct_conn.id 
_struct_conn.conn_type_id 
_struct_conn.pdbx_leaving_atom_flag 
_struct_conn.pdbx_PDB_id 
_struct_conn.ptnr1_label_asym_id 
_struct_conn.ptnr1_label_comp_id 
_struct_conn.ptnr1_label_seq_id 
_struct_conn.ptnr1_label_atom_id 
_struct_conn.pdbx_ptnr1_label_alt_id 
_struct_conn.pdbx_ptnr1_PDB_ins_code 
_struct_conn.pdbx_ptnr1_standard_comp_id 
_struct_conn.ptnr1_symmetry 
_struct_conn.ptnr2_label_asym_id 
_struct_conn.ptnr2_label_comp_id 
_struct_conn.ptnr2_label_seq_id 
_struct_conn.ptnr2_label_atom_id 
_struct_conn.pdbx_ptnr2_label_alt_id 
_struct_conn.pdbx_ptnr2_PDB_ins_code 
_struct_conn.ptnr1_auth_asym_id 
_struct_conn.ptnr1_auth_comp_id 
_struct_conn.ptnr1_auth_seq_id 
_struct_conn.ptnr2_auth_asym_id 
_struct_conn.ptnr2_auth_comp_id 
_struct_conn.ptnr2_auth_seq_id 
_struct_conn.ptnr2_symmetry 
_struct_conn.pdbx_ptnr3_label_atom_id 
_struct_conn.pdbx_ptnr3_label_seq_id 
_struct_conn.pdbx_ptnr3_label_comp_id 
_struct_conn.pdbx_ptnr3_label_asym_id 
_struct_conn.pdbx_ptnr3_label_alt_id 
_struct_conn.pdbx_ptnr3_PDB_ins_code 
_struct_conn.details 
_struct_conn.pdbx_dist_value 
_struct_conn.pdbx_value_order 
_struct_conn.pdbx_role 
covale1  covale both ? A LEU 1 C A ? ? 1_555 A AIB 2 N   ? ? A LEU 2  A AIB 3   1_555 ? ? ? ? ? ? ? 1.336 ? ? 
covale2  covale both ? A LEU 1 C B ? ? 1_555 A AIB 2 N   ? ? A LEU 2  A AIB 3   1_555 ? ? ? ? ? ? ? 1.333 ? ? 
covale3  covale both ? A LEU 1 N A ? ? 1_555 F I6W . C02 ? ? A LEU 2  A I6W 105 1_555 ? ? ? ? ? ? ? 1.421 ? ? 
covale4  covale both ? A LEU 1 N B ? ? 1_555 F I6W . C02 ? ? A LEU 2  A I6W 105 1_555 ? ? ? ? ? ? ? 1.430 ? ? 
covale5  covale both ? A AIB 2 C ? ? ? 1_555 A ALA 3 N   ? ? A AIB 3  A ALA 4   1_555 ? ? ? ? ? ? ? 1.337 ? ? 
covale6  covale both ? A ALA 3 C ? ? ? 1_555 A AIB 4 N   ? ? A ALA 4  A AIB 5   1_555 ? ? ? ? ? ? ? 1.337 ? ? 
covale7  covale both ? A AIB 4 C ? ? ? 1_555 A LEU 5 N   ? ? A AIB 5  A LEU 6   1_555 ? ? ? ? ? ? ? 1.334 ? ? 
covale8  covale both ? A LEU 5 C ? ? ? 1_555 A AIB 6 N   ? ? A LEU 6  A AIB 7   1_555 ? ? ? ? ? ? ? 1.334 ? ? 
covale9  covale both ? A AIB 6 C ? ? ? 1_555 A GLN 7 N   ? ? A AIB 7  A GLN 8   1_555 ? ? ? ? ? ? ? 1.334 ? ? 
covale10 covale both ? A GLN 7 C ? ? ? 1_555 A AIB 8 N   ? ? A GLN 8  A AIB 9   1_555 ? ? ? ? ? ? ? 1.340 ? ? 
covale11 covale both ? A AIB 8 C ? ? ? 1_555 A LEU 9 N   A ? A AIB 9  A LEU 10  1_555 ? ? ? ? ? ? ? 1.345 ? ? 
covale12 covale both ? A AIB 8 C ? ? ? 1_555 A LEU 9 N   B ? A AIB 9  A LEU 10  1_555 ? ? ? ? ? ? ? 1.324 ? ? 
covale13 covale both ? A LEU 9 C A ? ? 1_555 B I77 . N15 ? ? A LEU 10 A I77 101 1_555 ? ? ? ? ? ? ? 1.410 ? ? 
covale14 covale both ? A LEU 9 C B ? ? 1_555 B I77 . N15 ? ? A LEU 10 A I77 101 1_555 ? ? ? ? ? ? ? 1.431 ? ? 
# 
_struct_conn_type.id          covale 
_struct_conn_type.criteria    ? 
_struct_conn_type.reference   ? 
# 
loop_
_pdbx_modification_feature.ordinal 
_pdbx_modification_feature.label_comp_id 
_pdbx_modification_feature.label_asym_id 
_pdbx_modification_feature.label_seq_id 
_pdbx_modification_feature.label_alt_id 
_pdbx_modification_feature.modified_residue_label_comp_id 
_pdbx_modification_feature.modified_residue_label_asym_id 
_pdbx_modification_feature.modified_residue_label_seq_id 
_pdbx_modification_feature.modified_residue_label_alt_id 
_pdbx_modification_feature.auth_comp_id 
_pdbx_modification_feature.auth_asym_id 
_pdbx_modification_feature.auth_seq_id 
_pdbx_modification_feature.PDB_ins_code 
_pdbx_modification_feature.symmetry 
_pdbx_modification_feature.modified_residue_auth_comp_id 
_pdbx_modification_feature.modified_residue_auth_asym_id 
_pdbx_modification_feature.modified_residue_auth_seq_id 
_pdbx_modification_feature.modified_residue_PDB_ins_code 
_pdbx_modification_feature.modified_residue_symmetry 
_pdbx_modification_feature.comp_id_linking_atom 
_pdbx_modification_feature.modified_residue_id_linking_atom 
_pdbx_modification_feature.modified_residue_id 
_pdbx_modification_feature.ref_pcm_id 
_pdbx_modification_feature.ref_comp_id 
_pdbx_modification_feature.type 
_pdbx_modification_feature.category 
1 AIB A 2 ? .   . . . AIB A 3   ? 1_555 .   . .  . .     .   . ALA 1 AIB Methylation 'Named protein modification'     
2 AIB A 4 ? .   . . . AIB A 5   ? 1_555 .   . .  . .     .   . ALA 1 AIB Methylation 'Named protein modification'     
3 AIB A 6 ? .   . . . AIB A 7   ? 1_555 .   . .  . .     .   . ALA 1 AIB Methylation 'Named protein modification'     
4 AIB A 8 ? .   . . . AIB A 9   ? 1_555 .   . .  . .     .   . ALA 1 AIB Methylation 'Named protein modification'     
5 I77 B . ? LEU A 9 A I77 A 101 ? 1_555 LEU A 10 ? 1_555 N15 C LEU 1 I77 None        'Covalent chemical modification' 
6 I77 B . ? LEU A 9 B I77 A 101 ? 1_555 LEU A 10 ? 1_555 N15 C LEU 1 I77 None        'Covalent chemical modification' 
7 I6W F . ? LEU A 1 A I6W A 105 ? 1_555 LEU A 2  ? 1_555 C02 N LEU 1 I6W None        'Covalent chemical modification' 
8 I6W F . ? LEU A 1 B I6W A 105 ? 1_555 LEU A 2  ? 1_555 C02 N LEU 1 I6W None        'Covalent chemical modification' 
# 
_pdbx_entry_details.entry_id                   9BZT 
_pdbx_entry_details.has_ligand_of_interest     Y 
_pdbx_entry_details.compound_details           ? 
_pdbx_entry_details.source_details             ? 
_pdbx_entry_details.nonpolymer_details         ? 
_pdbx_entry_details.sequence_details           ? 
_pdbx_entry_details.has_protein_modification   Y 
# 
loop_
_space_group_symop.id 
_space_group_symop.operation_xyz 
1 x,y,z       
2 -x,y+1/2,-z 
# 
loop_
_chem_comp_atom.comp_id 
_chem_comp_atom.atom_id 
_chem_comp_atom.type_symbol 
_chem_comp_atom.pdbx_aromatic_flag 
_chem_comp_atom.pdbx_stereo_config 
_chem_comp_atom.pdbx_ordinal 
AIB N    N N N 1   
AIB CA   C N N 2   
AIB C    C N N 3   
AIB O    O N N 4   
AIB OXT  O N N 5   
AIB CB1  C N N 6   
AIB CB2  C N N 7   
AIB H    H N N 8   
AIB H2   H N N 9   
AIB HXT  H N N 10  
AIB HB11 H N N 11  
AIB HB12 H N N 12  
AIB HB13 H N N 13  
AIB HB21 H N N 14  
AIB HB22 H N N 15  
AIB HB23 H N N 16  
ALA N    N N N 17  
ALA CA   C N S 18  
ALA C    C N N 19  
ALA O    O N N 20  
ALA CB   C N N 21  
ALA OXT  O N N 22  
ALA H    H N N 23  
ALA H2   H N N 24  
ALA HA   H N N 25  
ALA HB1  H N N 26  
ALA HB2  H N N 27  
ALA HB3  H N N 28  
ALA HXT  H N N 29  
BNZ C1   C Y N 30  
BNZ C2   C Y N 31  
BNZ C3   C Y N 32  
BNZ C4   C Y N 33  
BNZ C5   C Y N 34  
BNZ C6   C Y N 35  
BNZ H1   H N N 36  
BNZ H2   H N N 37  
BNZ H3   H N N 38  
BNZ H4   H N N 39  
BNZ H5   H N N 40  
BNZ H6   H N N 41  
GLN N    N N N 42  
GLN CA   C N S 43  
GLN C    C N N 44  
GLN O    O N N 45  
GLN CB   C N N 46  
GLN CG   C N N 47  
GLN CD   C N N 48  
GLN OE1  O N N 49  
GLN NE2  N N N 50  
GLN OXT  O N N 51  
GLN H    H N N 52  
GLN H2   H N N 53  
GLN HA   H N N 54  
GLN HB2  H N N 55  
GLN HB3  H N N 56  
GLN HG2  H N N 57  
GLN HG3  H N N 58  
GLN HE21 H N N 59  
GLN HE22 H N N 60  
GLN HXT  H N N 61  
HOH O    O N N 62  
HOH H1   H N N 63  
HOH H2   H N N 64  
I6W C05  C Y N 65  
I6W C08  C Y N 66  
I6W C09  C Y N 67  
I6W N10  N Y N 68  
I6W C02  C N N 69  
I6W C03  C Y N 70  
I6W C04  C Y N 71  
I6W C06  C Y N 72  
I6W C11  C Y N 73  
I6W C12  C Y N 74  
I6W C13  C N N 75  
I6W C15  C N N 76  
I6W C16  C N N 77  
I6W C18  C Y N 78  
I6W C19  C Y N 79  
I6W N07  N Y N 80  
I6W O01  O N N 81  
I6W O14  O N N 82  
I6W O17  O N N 83  
I6W H051 H N N 84  
I6W H041 H N N 85  
I6W H061 H N N 86  
I6W H111 H N N 87  
I6W H152 H N N 88  
I6W H151 H N N 89  
I6W H162 H N N 90  
I6W H163 H N N 91  
I6W H161 H N N 92  
I6W H181 H N N 93  
I6W H191 H N N 94  
I6W OXT  O N N 95  
I6W HXT  H N N 96  
I77 C11  C Y N 97  
I77 C12  C Y N 98  
I77 C13  C N N 99  
I77 C17  C Y N 100 
I77 C18  C Y N 101 
I77 C02  C N N 102 
I77 C03  C Y N 103 
I77 C04  C Y N 104 
I77 C05  C Y N 105 
I77 C06  C Y N 106 
I77 C08  C Y N 107 
I77 C09  C Y N 108 
I77 N01  N N N 109 
I77 N07  N Y N 110 
I77 N10  N Y N 111 
I77 N14  N N N 112 
I77 N15  N N N 113 
I77 O16  O N N 114 
I77 O19  O N N 115 
I77 H111 H N N 116 
I77 H171 H N N 117 
I77 H181 H N N 118 
I77 H041 H N N 119 
I77 H051 H N N 120 
I77 H061 H N N 121 
I77 H011 H N N 122 
I77 H012 H N N 123 
I77 H141 H N N 124 
I77 H1   H N N 125 
I77 H2   H N N 126 
LEU N    N N N 127 
LEU CA   C N S 128 
LEU C    C N N 129 
LEU O    O N N 130 
LEU CB   C N N 131 
LEU CG   C N N 132 
LEU CD1  C N N 133 
LEU CD2  C N N 134 
LEU OXT  O N N 135 
LEU H    H N N 136 
LEU H2   H N N 137 
LEU HA   H N N 138 
LEU HB2  H N N 139 
LEU HB3  H N N 140 
LEU HG   H N N 141 
LEU HD11 H N N 142 
LEU HD12 H N N 143 
LEU HD13 H N N 144 
LEU HD21 H N N 145 
LEU HD22 H N N 146 
LEU HD23 H N N 147 
LEU HXT  H N N 148 
# 
loop_
_chem_comp_bond.comp_id 
_chem_comp_bond.atom_id_1 
_chem_comp_bond.atom_id_2 
_chem_comp_bond.value_order 
_chem_comp_bond.pdbx_aromatic_flag 
_chem_comp_bond.pdbx_stereo_config 
_chem_comp_bond.pdbx_ordinal 
AIB N   CA   sing N N 1   
AIB N   H    sing N N 2   
AIB N   H2   sing N N 3   
AIB CA  C    sing N N 4   
AIB CA  CB1  sing N N 5   
AIB CA  CB2  sing N N 6   
AIB C   O    doub N N 7   
AIB C   OXT  sing N N 8   
AIB OXT HXT  sing N N 9   
AIB CB1 HB11 sing N N 10  
AIB CB1 HB12 sing N N 11  
AIB CB1 HB13 sing N N 12  
AIB CB2 HB21 sing N N 13  
AIB CB2 HB22 sing N N 14  
AIB CB2 HB23 sing N N 15  
ALA N   CA   sing N N 16  
ALA N   H    sing N N 17  
ALA N   H2   sing N N 18  
ALA CA  C    sing N N 19  
ALA CA  CB   sing N N 20  
ALA CA  HA   sing N N 21  
ALA C   O    doub N N 22  
ALA C   OXT  sing N N 23  
ALA CB  HB1  sing N N 24  
ALA CB  HB2  sing N N 25  
ALA CB  HB3  sing N N 26  
ALA OXT HXT  sing N N 27  
BNZ C1  C2   doub Y N 28  
BNZ C1  C6   sing Y N 29  
BNZ C1  H1   sing N N 30  
BNZ C2  C3   sing Y N 31  
BNZ C2  H2   sing N N 32  
BNZ C3  C4   doub Y N 33  
BNZ C3  H3   sing N N 34  
BNZ C4  C5   sing Y N 35  
BNZ C4  H4   sing N N 36  
BNZ C5  C6   doub Y N 37  
BNZ C5  H5   sing N N 38  
BNZ C6  H6   sing N N 39  
GLN N   CA   sing N N 40  
GLN N   H    sing N N 41  
GLN N   H2   sing N N 42  
GLN CA  C    sing N N 43  
GLN CA  CB   sing N N 44  
GLN CA  HA   sing N N 45  
GLN C   O    doub N N 46  
GLN C   OXT  sing N N 47  
GLN CB  CG   sing N N 48  
GLN CB  HB2  sing N N 49  
GLN CB  HB3  sing N N 50  
GLN CG  CD   sing N N 51  
GLN CG  HG2  sing N N 52  
GLN CG  HG3  sing N N 53  
GLN CD  OE1  doub N N 54  
GLN CD  NE2  sing N N 55  
GLN NE2 HE21 sing N N 56  
GLN NE2 HE22 sing N N 57  
GLN OXT HXT  sing N N 58  
HOH O   H1   sing N N 59  
HOH O   H2   sing N N 60  
I6W O01 C02  doub N N 61  
I6W C02 C03  sing N N 62  
I6W C03 C06  doub Y N 63  
I6W C03 C04  sing Y N 64  
I6W C06 N07  sing Y N 65  
I6W C04 C05  doub Y N 66  
I6W N07 C08  doub Y N 67  
I6W C05 C08  sing Y N 68  
I6W C08 C09  sing N N 69  
I6W C09 C19  doub Y N 70  
I6W C09 N10  sing Y N 71  
I6W C19 C18  sing Y N 72  
I6W N10 C11  doub Y N 73  
I6W C18 C12  doub Y N 74  
I6W C11 C12  sing Y N 75  
I6W C12 C13  sing N N 76  
I6W C13 O17  doub N N 77  
I6W C13 O14  sing N N 78  
I6W O14 C15  sing N N 79  
I6W C15 C16  sing N N 80  
I6W C05 H051 sing N N 81  
I6W C04 H041 sing N N 82  
I6W C06 H061 sing N N 83  
I6W C11 H111 sing N N 84  
I6W C15 H152 sing N N 85  
I6W C15 H151 sing N N 86  
I6W C16 H162 sing N N 87  
I6W C16 H163 sing N N 88  
I6W C16 H161 sing N N 89  
I6W C18 H181 sing N N 90  
I6W C19 H191 sing N N 91  
I6W C02 OXT  sing N N 92  
I6W OXT HXT  sing N N 93  
I77 N15 N14  sing N N 94  
I77 O16 C13  doub N N 95  
I77 N14 C13  sing N N 96  
I77 C13 C12  sing N N 97  
I77 C12 C17  doub Y N 98  
I77 C12 C11  sing Y N 99  
I77 C17 C18  sing Y N 100 
I77 C11 N10  doub Y N 101 
I77 C18 C09  doub Y N 102 
I77 N10 C09  sing Y N 103 
I77 C09 C08  sing N N 104 
I77 C08 N07  doub Y N 105 
I77 C08 C05  sing Y N 106 
I77 N07 C06  sing Y N 107 
I77 C05 C04  doub Y N 108 
I77 C06 C03  doub Y N 109 
I77 C04 C03  sing Y N 110 
I77 C03 C02  sing N N 111 
I77 C02 N01  sing N N 112 
I77 C02 O19  doub N N 113 
I77 C11 H111 sing N N 114 
I77 C17 H171 sing N N 115 
I77 C18 H181 sing N N 116 
I77 C04 H041 sing N N 117 
I77 C05 H051 sing N N 118 
I77 C06 H061 sing N N 119 
I77 N01 H011 sing N N 120 
I77 N01 H012 sing N N 121 
I77 N14 H141 sing N N 122 
I77 N15 H1   sing N N 123 
I77 N15 H2   sing N N 124 
LEU N   CA   sing N N 125 
LEU N   H    sing N N 126 
LEU N   H2   sing N N 127 
LEU CA  C    sing N N 128 
LEU CA  CB   sing N N 129 
LEU CA  HA   sing N N 130 
LEU C   O    doub N N 131 
LEU C   OXT  sing N N 132 
LEU CB  CG   sing N N 133 
LEU CB  HB2  sing N N 134 
LEU CB  HB3  sing N N 135 
LEU CG  CD1  sing N N 136 
LEU CG  CD2  sing N N 137 
LEU CG  HG   sing N N 138 
LEU CD1 HD11 sing N N 139 
LEU CD1 HD12 sing N N 140 
LEU CD1 HD13 sing N N 141 
LEU CD2 HD21 sing N N 142 
LEU CD2 HD22 sing N N 143 
LEU CD2 HD23 sing N N 144 
LEU OXT HXT  sing N N 145 
# 
_pdbx_audit_support.funding_organization   'Department of Energy (DOE, United States)' 
_pdbx_audit_support.country                'United States' 
_pdbx_audit_support.grant_number           DE-AC02-06CH11357 
_pdbx_audit_support.ordinal                1 
# 
_pdbx_initial_refinement_model.id               1 
_pdbx_initial_refinement_model.entity_id_list   ? 
_pdbx_initial_refinement_model.type             'experimental model' 
_pdbx_initial_refinement_model.source_name      PDB 
_pdbx_initial_refinement_model.accession_code   7TLS 
_pdbx_initial_refinement_model.details          ? 
# 
_space_group.name_H-M_alt     'P 1 21 1' 
_space_group.name_Hall        'P 2yb' 
_space_group.IT_number        4 
_space_group.crystal_system   monoclinic 
_space_group.id               1 
# 
_atom_sites.entry_id                    9BZT 
_atom_sites.Cartn_transf_matrix[1][1]   ? 
_atom_sites.Cartn_transf_matrix[1][2]   ? 
_atom_sites.Cartn_transf_matrix[1][3]   ? 
_atom_sites.Cartn_transf_matrix[2][1]   ? 
_atom_sites.Cartn_transf_matrix[2][2]   ? 
_atom_sites.Cartn_transf_matrix[2][3]   ? 
_atom_sites.Cartn_transf_matrix[3][1]   ? 
_atom_sites.Cartn_transf_matrix[3][2]   ? 
_atom_sites.Cartn_transf_matrix[3][3]   ? 
_atom_sites.Cartn_transf_vector[1]      ? 
_atom_sites.Cartn_transf_vector[2]      ? 
_atom_sites.Cartn_transf_vector[3]      ? 
_atom_sites.Cartn_transform_axes        ? 
_atom_sites.fract_transf_matrix[1][1]   0.07045332 
_atom_sites.fract_transf_matrix[1][2]   0.01004347 
_atom_sites.fract_transf_matrix[1][3]   -0.00814241 
_atom_sites.fract_transf_matrix[2][1]   0.00949307 
_atom_sites.fract_transf_matrix[2][2]   -0.00640740 
_atom_sites.fract_transf_matrix[2][3]   0.07423672 
_atom_sites.fract_transf_matrix[3][1]   0.01025771 
_atom_sites.fract_transf_matrix[3][2]   -0.03513119 
_atom_sites.fract_transf_matrix[3][3]   -0.00434390 
_atom_sites.fract_transf_vector[1]      -0.378440 
_atom_sites.fract_transf_vector[2]      0.182584 
_atom_sites.fract_transf_vector[3]      -0.168743 
_atom_sites.solution_primary            ? 
_atom_sites.solution_secondary          ? 
_atom_sites.solution_hydrogens          ? 
_atom_sites.special_details             ? 
# 
loop_
_atom_type.symbol 
_atom_type.scat_dispersion_real 
_atom_type.scat_dispersion_imag 
_atom_type.scat_Cromer_Mann_a1 
_atom_type.scat_Cromer_Mann_a2 
_atom_type.scat_Cromer_Mann_a3 
_atom_type.scat_Cromer_Mann_a4 
_atom_type.scat_Cromer_Mann_b1 
_atom_type.scat_Cromer_Mann_b2 
_atom_type.scat_Cromer_Mann_b3 
_atom_type.scat_Cromer_Mann_b4 
_atom_type.scat_Cromer_Mann_c 
_atom_type.scat_source 
_atom_type.scat_dispersion_source 
C ? ? 2.51340 1.74867 1.72398 ? 31.80534 0.44561  10.58317 ? 0.0 
;3-Gaussian fit: Grosse-Kunstleve RW, Sauter NK, Adams PD: Newsletter of the IUCr Commission on Crystallographic Computing 2004, 3, 22-31.
;
? 
H ? ? 0.53795 0.34799 0.11320 ? 10.08003 29.74760 2.57510  ? 0.0 
;3-Gaussian fit: Grosse-Kunstleve RW, Sauter NK, Adams PD: Newsletter of the IUCr Commission on Crystallographic Computing 2004, 3, 22-31.
;
? 
N ? ? 2.99955 2.25584 1.72788 ? 23.27268 7.45433  0.31622  ? 0.0 
;3-Gaussian fit: Grosse-Kunstleve RW, Sauter NK, Adams PD: Newsletter of the IUCr Commission on Crystallographic Computing 2004, 3, 22-31.
;
? 
O ? ? 3.21184 3.04156 1.73156 ? 18.83700 5.90590  0.24126  ? 0.0 
;3-Gaussian fit: Grosse-Kunstleve RW, Sauter NK, Adams PD: Newsletter of the IUCr Commission on Crystallographic Computing 2004, 3, 22-31.
;
? 
# 
loop_
_atom_site.group_PDB 
_atom_site.id 
_atom_site.type_symbol 
_atom_site.label_atom_id 
_atom_site.label_alt_id 
_atom_site.label_comp_id 
_atom_site.label_asym_id 
_atom_site.label_entity_id 
_atom_site.label_seq_id 
_atom_site.pdbx_PDB_ins_code 
_atom_site.Cartn_x 
_atom_site.Cartn_y 
_atom_site.Cartn_z 
_atom_site.occupancy 
_atom_site.B_iso_or_equiv 
_atom_site.pdbx_formal_charge 
_atom_site.auth_seq_id 
_atom_site.auth_comp_id 
_atom_site.auth_asym_id 
_atom_site.auth_atom_id 
_atom_site.pdbx_PDB_model_num 
ATOM   1   N N    A LEU A 1 1 ? -5.15332  -0.23802 5.66837  0.628 4.51628  ? 2   LEU A N    1 
ATOM   2   N N    B LEU A 1 1 ? -5.00551  -0.30795 5.69736  0.372 4.75950  ? 2   LEU A N    1 
ATOM   3   C CA   A LEU A 1 1 ? -4.36749  -1.42279 5.38247  0.628 3.84484  ? 2   LEU A CA   1 
ATOM   4   C CA   B LEU A 1 1 ? -4.18838  -1.46683 5.34126  0.372 4.41116  ? 2   LEU A CA   1 
ATOM   5   C C    A LEU A 1 1 ? -3.92727  -1.49347 3.90301  0.628 3.31844  ? 2   LEU A C    1 
ATOM   6   C C    B LEU A 1 1 ? -3.87612  -1.49854 3.83877  0.372 3.55370  ? 2   LEU A C    1 
ATOM   7   O O    A LEU A 1 1 ? -2.75414  -1.70410 3.60252  0.628 3.48563  ? 2   LEU A O    1 
ATOM   8   O O    B LEU A 1 1 ? -2.72137  -1.67487 3.44064  0.372 3.50854  ? 2   LEU A O    1 
ATOM   9   C CB   A LEU A 1 1 ? -5.18503  -2.64706 5.75528  0.628 3.82405  ? 2   LEU A CB   1 
ATOM   10  C CB   B LEU A 1 1 ? -4.86688  -2.77275 5.77623  0.372 4.82909  ? 2   LEU A CB   1 
ATOM   11  C CG   A LEU A 1 1 ? -4.59613  -3.97586 5.29890  0.628 4.18612  ? 2   LEU A CG   1 
ATOM   12  C CG   B LEU A 1 1 ? -4.22026  -4.05758 5.24403  0.372 5.07944  ? 2   LEU A CG   1 
ATOM   13  C CD1  A LEU A 1 1 ? -3.26040  -4.26063 5.97140  0.628 4.71099  ? 2   LEU A CD1  1 
ATOM   14  C CD1  B LEU A 1 1 ? -2.81299  -4.22093 5.79309  0.372 5.15497  ? 2   LEU A CD1  1 
ATOM   15  C CD2  A LEU A 1 1 ? -5.58542  -5.09978 5.56944  0.628 4.57783  ? 2   LEU A CD2  1 
ATOM   16  C CD2  B LEU A 1 1 ? -5.06415  -5.27615 5.60257  0.372 5.62474  ? 2   LEU A CD2  1 
ATOM   17  H H1   A LEU A 1 1 ? -5.77755  -0.36400 6.24573  0.628 5.42646  ? 2   LEU A H1   1 
ATOM   18  H H1   B LEU A 1 1 ? -5.84529  -0.41561 5.54775  0.372 5.71832  ? 2   LEU A H1   1 
ATOM   19  H HA   A LEU A 1 1 ? -3.55102  -1.40538 5.90590  0.628 4.62072  ? 2   LEU A HA   1 
ATOM   20  H HA   B LEU A 1 1 ? -3.34379  -1.40245 5.81393  0.372 5.30031  ? 2   LEU A HA   1 
ATOM   21  H HB2  A LEU A 1 1 ? -5.26492  -2.67978 6.72143  0.628 4.59578  ? 2   LEU A HB2  1 
ATOM   22  H HB2  B LEU A 1 1 ? -4.84788  -2.81830 6.74497  0.372 5.80182  ? 2   LEU A HB2  1 
ATOM   23  H HB3  A LEU A 1 1 ? -6.06343  -2.56346 5.35240  0.628 4.59578  ? 2   LEU A HB3  1 
ATOM   24  H HB3  B LEU A 1 1 ? -5.78470  -2.75865 5.46271  0.372 5.80182  ? 2   LEU A HB3  1 
ATOM   25  H HG   A LEU A 1 1 ? -4.42722  -3.92970 4.34484  0.628 5.03026  ? 2   LEU A HG   1 
ATOM   26  H HG   B LEU A 1 1 ? -4.16609  -3.99602 4.27750  0.372 6.10224  ? 2   LEU A HG   1 
ATOM   27  H HD11 A LEU A 1 1 ? -3.39771  -4.33145 6.92901  0.628 5.66011  ? 2   LEU A HD11 1 
ATOM   28  H HD11 B LEU A 1 1 ? -2.85952  -4.31929 6.75696  0.372 6.19288  ? 2   LEU A HD11 1 
ATOM   29  H HD12 A LEU A 1 1 ? -2.90416  -5.09404 5.62580  0.628 5.66011  ? 2   LEU A HD12 1 
ATOM   30  H HD12 B LEU A 1 1 ? -2.40996  -5.01040 5.39911  0.372 6.19288  ? 2   LEU A HD12 1 
ATOM   31  H HD13 A LEU A 1 1 ? -2.64807  -3.53365 5.77790  0.628 5.66011  ? 2   LEU A HD13 1 
ATOM   32  H HD13 B LEU A 1 1 ? -2.29201  -3.43499 5.56555  0.372 6.19288  ? 2   LEU A HD13 1 
ATOM   33  H HD21 A LEU A 1 1 ? -5.71626  -5.18161 6.52708  0.628 5.50031  ? 2   LEU A HD21 1 
ATOM   34  H HD21 B LEU A 1 1 ? -5.17662  -5.31017 6.56542  0.372 6.75660  ? 2   LEU A HD21 1 
ATOM   35  H HD22 A LEU A 1 1 ? -6.42801  -4.88969 5.13722  0.628 5.50031  ? 2   LEU A HD22 1 
ATOM   36  H HD22 B LEU A 1 1 ? -5.92942  -5.19911 5.17097  0.372 6.75660  ? 2   LEU A HD22 1 
ATOM   37  H HD23 A LEU A 1 1 ? -5.22798  -5.92785 5.21248  0.628 5.50031  ? 2   LEU A HD23 1 
ATOM   38  H HD23 B LEU A 1 1 ? -4.61066  -6.07617 5.29403  0.372 6.75660  ? 2   LEU A HD23 1 
HETATM 39  N N    . AIB A 1 2 ? -4.89262  -1.33529 2.99254  1.000 3.30517  ? 3   AIB A N    1 
HETATM 40  C CA   . AIB A 1 2 ? -4.62984  -1.37065 1.55898  1.000 3.21087  ? 3   AIB A CA   1 
HETATM 41  C C    . AIB A 1 2 ? -3.50713  -0.37472 1.19768  1.000 3.22840  ? 3   AIB A C    1 
HETATM 42  O O    . AIB A 1 2 ? -2.54183  -0.68370 0.50527  1.000 3.70643  ? 3   AIB A O    1 
HETATM 43  C CB1  . AIB A 1 2 ? -4.21305  -2.78745 1.10650  1.000 4.06326  ? 3   AIB A CB1  1 
HETATM 44  C CB2  . AIB A 1 2 ? -5.88699  -0.96260 0.78008  1.000 3.50884  ? 3   AIB A CB2  1 
HETATM 45  H H    . AIB A 1 2 ? -5.86046  -1.52460 3.16413  1.000 3.97312  ? 3   AIB A H    1 
HETATM 46  H HB11 . AIB A 1 2 ? -5.00981  -3.51949 1.37990  1.000 4.88283  ? 3   AIB A HB11 1 
HETATM 47  H HB12 . AIB A 1 2 ? -4.06522  -2.80105 0.00042  1.000 4.88283  ? 3   AIB A HB12 1 
HETATM 48  H HB13 . AIB A 1 2 ? -3.25942  -3.07754 1.60841  1.000 4.88283  ? 3   AIB A HB13 1 
HETATM 49  H HB21 . AIB A 1 2 ? -5.65615  -0.96612 -0.31280 1.000 4.21752  ? 3   AIB A HB21 1 
HETATM 50  H HB22 . AIB A 1 2 ? -6.70406  -1.69238 0.99806  1.000 4.21752  ? 3   AIB A HB22 1 
HETATM 51  H HB23 . AIB A 1 2 ? -6.19748  0.06177  1.09940  1.000 4.21752  ? 3   AIB A HB23 1 
ATOM   52  N N    . ALA A 1 3 ? -3.64898  0.85954  1.69243  1.000 3.62582  ? 4   ALA A N    1 
ATOM   53  C CA   . ALA A 1 3 ? -2.67429  1.90876  1.39784  1.000 4.05652  ? 4   ALA A CA   1 
ATOM   54  C C    . ALA A 1 3 ? -1.27223  1.55253  1.90587  1.000 3.93352  ? 4   ALA A C    1 
ATOM   55  O O    . ALA A 1 3 ? -0.27124  1.82271  1.23118  1.000 4.25794  ? 4   ALA A O    1 
ATOM   56  C CB   . ALA A 1 3 ? -3.11266  3.22359  2.00844  1.000 5.21751  ? 4   ALA A CB   1 
ATOM   57  H H    . ALA A 1 3 ? -4.29795  1.11041  2.19790  1.000 4.35790  ? 4   ALA A H    1 
ATOM   58  H HA   . ALA A 1 3 ? -2.62694  2.00678  0.43397  1.000 4.87474  ? 4   ALA A HA   1 
ATOM   59  H HB1  . ALA A 1 3 ? -2.43071  3.89267  1.84058  1.000 6.26793  ? 4   ALA A HB1  1 
ATOM   60  H HB2  . ALA A 1 3 ? -3.95056  3.49632  1.60292  1.000 6.26793  ? 4   ALA A HB2  1 
ATOM   61  H HB3  . ALA A 1 3 ? -3.23092  3.10427  2.96378  1.000 6.26793  ? 4   ALA A HB3  1 
HETATM 62  N N    . AIB A 1 4 ? -1.21452  0.97983  3.11220  1.000 3.70095  ? 5   AIB A N    1 
HETATM 63  C CA   . AIB A 1 4 ? 0.03744   0.60468  3.73789  1.000 4.11916  ? 5   AIB A CA   1 
HETATM 64  C C    . AIB A 1 4 ? 0.83106   -0.34970 2.82316  1.000 4.24848  ? 5   AIB A C    1 
HETATM 65  O O    . AIB A 1 4 ? 2.06090   -0.29215 2.70299  1.000 5.42489  ? 5   AIB A O    1 
HETATM 66  C CB1  . AIB A 1 4 ? 0.90850   1.83151  4.04553  1.000 5.25930  ? 5   AIB A CB1  1 
HETATM 67  C CB2  . AIB A 1 4 ? -0.25464  -0.13565 5.05519  1.000 4.41587  ? 5   AIB A CB2  1 
HETATM 68  H H    . AIB A 1 4 ? -1.96568  0.45959  3.52100  1.000 4.44806  ? 5   AIB A H    1 
HETATM 69  H HB11 . AIB A 1 4 ? 0.29979   2.60179  4.57618  1.000 6.31807  ? 5   AIB A HB11 1 
HETATM 70  H HB12 . AIB A 1 4 ? 1.76657   1.53113  4.69278  1.000 6.31807  ? 5   AIB A HB12 1 
HETATM 71  H HB13 . AIB A 1 4 ? 1.29959   2.26364  3.09380  1.000 6.31807  ? 5   AIB A HB13 1 
HETATM 72  H HB21 . AIB A 1 4 ? 0.71182   -0.44730 5.52050  1.000 5.30596  ? 5   AIB A HB21 1 
HETATM 73  H HB22 . AIB A 1 4 ? -0.80454  0.54983  5.74469  1.000 5.30596  ? 5   AIB A HB22 1 
HETATM 74  H HB23 . AIB A 1 4 ? -0.87887  -1.03589 4.83701  1.000 5.30596  ? 5   AIB A HB23 1 
ATOM   75  N N    . LEU A 1 5 ? 0.11502   -1.26796 2.17172  1.000 3.89517  ? 6   LEU A N    1 
ATOM   76  C CA   . LEU A 1 5 ? 0.76920   -2.16187 1.21774  1.000 4.50545  ? 6   LEU A CA   1 
ATOM   77  C C    . LEU A 1 5 ? 1.03901   -1.47895 -0.13232 1.000 4.49248  ? 6   LEU A C    1 
ATOM   78  O O    . LEU A 1 5 ? 2.08750   -1.67716 -0.75353 1.000 5.04030  ? 6   LEU A O    1 
ATOM   79  C CB   . LEU A 1 5 ? -0.07478  -3.41498 1.01328  1.000 5.66820  ? 6   LEU A CB   1 
ATOM   80  C CG   . LEU A 1 5 ? -0.28318  -4.28243 2.25365  1.000 7.02525  ? 6   LEU A CG   1 
ATOM   81  C CD1  . LEU A 1 5 ? -1.23138  -5.42747 1.92823  1.000 7.90993  ? 6   LEU A CD1  1 
ATOM   82  C CD2  . LEU A 1 5 ? 1.03830   -4.80638 2.81496  1.000 7.56194  ? 6   LEU A CD2  1 
ATOM   83  H H    . LEU A 1 5 ? -0.73139  -1.38959 2.26331  1.000 4.68112  ? 6   LEU A H    1 
ATOM   84  H HA   . LEU A 1 5 ? 1.63095   -2.42026 1.58038  1.000 5.41346  ? 6   LEU A HA   1 
ATOM   85  H HB2  . LEU A 1 5 ? -0.95181  -3.14276 0.70082  1.000 6.80876  ? 6   LEU A HB2  1 
ATOM   86  H HB3  . LEU A 1 5 ? 0.35900   -3.96744 0.34431  1.000 6.80876  ? 6   LEU A HB3  1 
ATOM   87  H HG   . LEU A 1 5 ? -0.67986  -3.73693 2.95076  1.000 8.43722  ? 6   LEU A HG   1 
ATOM   88  H HD11 . LEU A 1 5 ? -1.41377  -5.92676 2.73962  1.000 9.49883  ? 6   LEU A HD11 1 
ATOM   89  H HD12 . LEU A 1 5 ? -2.05648  -5.06264 1.57182  1.000 9.49883  ? 6   LEU A HD12 1 
ATOM   90  H HD13 . LEU A 1 5 ? -0.81419  -6.00580 1.27068  1.000 9.49883  ? 6   LEU A HD13 1 
ATOM   91  H HD21 . LEU A 1 5 ? 0.85092   -5.42894 3.53484  1.000 9.08125  ? 6   LEU A HD21 1 
ATOM   92  H HD22 . LEU A 1 5 ? 1.52585   -5.25613 2.10721  1.000 9.08125  ? 6   LEU A HD22 1 
ATOM   93  H HD23 . LEU A 1 5 ? 1.55728   -4.05888 3.15079  1.000 9.08125  ? 6   LEU A HD23 1 
HETATM 94  N N    . AIB A 1 6 ? 0.05737   -0.69367 -0.57822 1.000 4.28354  ? 7   AIB A N    1 
HETATM 95  C CA   . AIB A 1 6 ? 0.03968   -0.08248 -1.89321 1.000 4.41548  ? 7   AIB A CA   1 
HETATM 96  C C    . AIB A 1 6 ? 1.21841   0.89176  -2.10542 1.000 3.92870  ? 7   AIB A C    1 
HETATM 97  O O    . AIB A 1 6 ? 1.53884   1.26685  -3.24344 1.000 4.41901  ? 7   AIB A O    1 
HETATM 98  C CB1  . AIB A 1 6 ? 0.07108   -1.14372 -3.01357 1.000 5.43729  ? 7   AIB A CB1  1 
HETATM 99  C CB2  . AIB A 1 6 ? -1.22076  0.79057  -2.05313 1.000 4.61554  ? 7   AIB A CB2  1 
HETATM 100 H H    . AIB A 1 6 ? -0.87980  -0.73069 -0.22846 1.000 5.14717  ? 7   AIB A H    1 
HETATM 101 H HB11 . AIB A 1 6 ? 1.12587   -1.44794 -3.21438 1.000 6.53166  ? 7   AIB A HB11 1 
HETATM 102 H HB12 . AIB A 1 6 ? -0.51649  -2.03929 -2.70026 1.000 6.53166  ? 7   AIB A HB12 1 
HETATM 103 H HB13 . AIB A 1 6 ? -0.37317  -0.72027 -3.94566 1.000 6.53166  ? 7   AIB A HB13 1 
HETATM 104 H HB21 . AIB A 1 6 ? -1.15229  1.66110  -1.35658 1.000 5.54557  ? 7   AIB A HB21 1 
HETATM 105 H HB22 . AIB A 1 6 ? -1.28253  1.15223  -3.10815 1.000 5.54557  ? 7   AIB A HB22 1 
HETATM 106 H HB23 . AIB A 1 6 ? -2.12219  0.17811  -1.80817 1.000 5.54557  ? 7   AIB A HB23 1 
ATOM   107 N N    . GLN A 1 7 ? 1.87506   1.30631  -1.02017 1.000 3.71530  ? 8   GLN A N    1 
ATOM   108 C CA   . GLN A 1 7 ? 3.01538   2.19963  -1.15867 1.000 3.34203  ? 8   GLN A CA   1 
ATOM   109 C C    . GLN A 1 7 ? 4.09884   1.61672  -2.07439 1.000 3.04529  ? 8   GLN A C    1 
ATOM   110 O O    . GLN A 1 7 ? 4.84020   2.39253  -2.66975 1.000 3.30785  ? 8   GLN A O    1 
ATOM   111 C CB   . GLN A 1 7 ? 3.60193   2.54676  0.20612  1.000 3.42826  ? 8   GLN A CB   1 
ATOM   112 C CG   . GLN A 1 7 ? 4.29090   1.39047  0.91348  1.000 3.41961  ? 8   GLN A CG   1 
ATOM   113 C CD   . GLN A 1 7 ? 4.84371   1.84567  2.24355  1.000 3.29149  ? 8   GLN A CD   1 
ATOM   114 O OE1  . GLN A 1 7 ? 5.72472   2.71198  2.30087  1.000 3.64479  ? 8   GLN A OE1  1 
ATOM   115 N NE2  . GLN A 1 7 ? 4.29661   1.30600  3.32369  1.000 4.31684  ? 8   GLN A NE2  1 
ATOM   116 H H    . GLN A 1 7 ? 1.68040   1.08657  -0.21182 1.000 4.46528  ? 8   GLN A H    1 
ATOM   117 H HA   . GLN A 1 7 ? 2.70593   3.02189  -1.56980 1.000 4.01736  ? 8   GLN A HA   1 
ATOM   118 H HB2  . GLN A 1 7 ? 4.25873   3.25094  0.08929  1.000 4.12083  ? 8   GLN A HB2  1 
ATOM   119 H HB3  . GLN A 1 7 ? 2.88389   2.85486  0.78091  1.000 4.12083  ? 8   GLN A HB3  1 
ATOM   120 H HG2  . GLN A 1 7 ? 3.65208   0.67760  1.07038  1.000 4.11045  ? 8   GLN A HG2  1 
ATOM   121 H HG3  . GLN A 1 7 ? 5.02376   1.06502  0.36769  1.000 4.11045  ? 8   GLN A HG3  1 
ATOM   122 H HE21 . GLN A 1 7 ? 3.66280   0.73038  3.24279  1.000 5.18712  ? 8   GLN A HE21 1 
ATOM   123 H HE22 . GLN A 1 7 ? 4.57549   1.53151  4.10534  1.000 5.18712  ? 8   GLN A HE22 1 
HETATM 124 N N    . AIB A 1 8 ? 4.17691   0.28405  -2.19436 1.000 3.30267  ? 9   AIB A N    1 
HETATM 125 C CA   . AIB A 1 8 ? 5.10427   -0.36107 -3.10203 1.000 3.74131  ? 9   AIB A CA   1 
HETATM 126 C C    . AIB A 1 8 ? 4.94230   0.16099  -4.55196 1.000 3.83941  ? 9   AIB A C    1 
HETATM 127 O O    . AIB A 1 8 ? 5.88947   0.15889  -5.32936 1.000 5.26636  ? 9   AIB A O    1 
HETATM 128 C CB1  . AIB A 1 8 ? 6.56127   -0.18122 -2.62459 1.000 4.22952  ? 9   AIB A CB1  1 
HETATM 129 C CB2  . AIB A 1 8 ? 4.73754   -1.85117 -3.14825 1.000 4.19068  ? 9   AIB A CB2  1 
HETATM 130 H H    . AIB A 1 8 ? 3.89703   -0.35995 -1.48096 1.000 3.97013  ? 9   AIB A H    1 
HETATM 131 H HB11 . AIB A 1 8 ? 6.81000   0.90562  -2.57606 1.000 5.08234  ? 9   AIB A HB11 1 
HETATM 132 H HB12 . AIB A 1 8 ? 6.68355   -0.63193 -1.61100 1.000 5.08234  ? 9   AIB A HB12 1 
HETATM 133 H HB13 . AIB A 1 8 ? 7.25596   -0.68582 -3.33751 1.000 5.08234  ? 9   AIB A HB13 1 
HETATM 134 H HB21 . AIB A 1 8 ? 3.65351   -1.95246 -3.39790 1.000 5.03574  ? 9   AIB A HB21 1 
HETATM 135 H HB22 . AIB A 1 8 ? 5.35605   -2.35496 -3.93012 1.000 5.03574  ? 9   AIB A HB22 1 
HETATM 136 H HB23 . AIB A 1 8 ? 4.94165   -2.30821 -2.14968 1.000 5.03574  ? 9   AIB A HB23 1 
ATOM   137 N N    A LEU A 1 9 ? 3.69688   0.56447  -4.86108 0.763 3.20457  ? 10  LEU A N    1 
ATOM   138 N N    B LEU A 1 9 ? 3.74899   0.58246  -4.94010 0.237 4.64864  ? 10  LEU A N    1 
ATOM   139 C CA   A LEU A 1 9 ? 3.28303   1.06810  -6.18337 0.763 3.40643  ? 10  LEU A CA   1 
ATOM   140 C CA   B LEU A 1 9 ? 3.61099   1.08453  -6.29891 0.237 5.58034  ? 10  LEU A CA   1 
ATOM   141 C C    A LEU A 1 9 ? 3.04750   2.56507  -6.18603 0.763 3.93758  ? 10  LEU A C    1 
ATOM   142 C C    B LEU A 1 9 ? 3.50034   2.60099  -6.32524 0.237 5.17251  ? 10  LEU A C    1 
ATOM   143 O O    A LEU A 1 9 ? 2.55147   3.17085  -7.11166 0.763 4.19848  ? 10  LEU A O    1 
ATOM   144 O O    B LEU A 1 9 ? 3.93074   3.21341  -7.29924 0.237 5.28509  ? 10  LEU A O    1 
ATOM   145 C CB   A LEU A 1 9 ? 1.97807   0.41414  -6.62373 0.763 3.53561  ? 10  LEU A CB   1 
ATOM   146 C CB   B LEU A 1 9 ? 2.43758   0.42733  -7.02245 0.237 6.85808  ? 10  LEU A CB   1 
ATOM   147 C CG   A LEU A 1 9 ? 2.00131   -1.10309 -6.63571 0.763 4.29375  ? 10  LEU A CG   1 
ATOM   148 C CG   B LEU A 1 9 ? 2.60488   -1.09047 -7.13674 0.237 7.89406  ? 10  LEU A CG   1 
ATOM   149 C CD1  A LEU A 1 9 ? 0.63443   -1.64819 -7.05272 0.763 4.76379  ? 10  LEU A CD1  1 
ATOM   150 C CD1  B LEU A 1 9 ? 1.61223   -1.77208 -6.21833 0.237 8.18873  ? 10  LEU A CD1  1 
ATOM   151 C CD2  A LEU A 1 9 ? 3.12472   -1.62556 -7.52479 0.763 5.59501  ? 10  LEU A CD2  1 
ATOM   152 C CD2  B LEU A 1 9 ? 2.49626   -1.59879 -8.56766 0.237 8.35417  ? 10  LEU A CD2  1 
ATOM   153 H H    A LEU A 1 9 ? 3.04648   0.55580  -4.29851 0.763 3.85240  ? 10  LEU A H    1 
ATOM   154 H H    B LEU A 1 9 ? 3.03643   0.58805  -4.45861 0.237 5.58529  ? 10  LEU A H    1 
ATOM   155 H HA   A LEU A 1 9 ? 3.99937   0.85490  -6.80168 0.763 4.09463  ? 10  LEU A HA   1 
ATOM   156 H HA   B LEU A 1 9 ? 4.40980   0.84808  -6.79579 0.237 6.70332  ? 10  LEU A HA   1 
ATOM   157 H HB2  A LEU A 1 9 ? 1.27484   0.69133  -6.01584 0.763 4.24964  ? 10  LEU A HB2  1 
ATOM   158 H HB2  B LEU A 1 9 ? 1.62108   0.60629  -6.53031 0.237 8.23661  ? 10  LEU A HB2  1 
ATOM   159 H HB3  A LEU A 1 9 ? 1.77410   0.71089  -7.52441 0.763 4.24964  ? 10  LEU A HB3  1 
ATOM   160 H HB3  B LEU A 1 9 ? 2.37204   0.79358  -7.91826 0.237 8.23661  ? 10  LEU A HB3  1 
ATOM   161 H HG   A LEU A 1 9 ? 2.18328   -1.43129 -5.74123 0.763 5.15942  ? 10  LEU A HG   1 
ATOM   162 H HG   B LEU A 1 9 ? 3.50458   -1.32401 -6.85942 0.237 9.47979  ? 10  LEU A HG   1 
ATOM   163 H HD11 A LEU A 1 9 ? 0.66134   -2.61760 -7.03206 0.763 5.72346  ? 10  LEU A HD11 1 
ATOM   164 H HD11 B LEU A 1 9 ? 1.74397   -2.73184 -6.26752 0.237 9.83339  ? 10  LEU A HD11 1 
ATOM   165 H HD12 A LEU A 1 9 ? -0.03764  -1.32268 -6.43363 0.763 5.72346  ? 10  LEU A HD12 1 
ATOM   166 H HD12 B LEU A 1 9 ? 1.75910   -1.46415 -5.31031 0.237 9.83339  ? 10  LEU A HD12 1 
ATOM   167 H HD13 A LEU A 1 9 ? 0.43290   -1.34194 -7.95077 0.763 5.72346  ? 10  LEU A HD13 1 
ATOM   168 H HD13 B LEU A 1 9 ? 0.71263   -1.54668 -6.50263 0.237 9.83339  ? 10  LEU A HD13 1 
ATOM   169 H HD21 A LEU A 1 9 ? 3.07948   -2.59405 -7.55447 0.763 6.72093  ? 10  LEU A HD21 1 
ATOM   170 H HD21 B LEU A 1 9 ? 2.40968   -2.56482 -8.55392 0.237 10.03192 ? 10  LEU A HD21 1 
ATOM   171 H HD22 A LEU A 1 9 ? 3.01611   -1.26183 -8.41742 0.763 6.72093  ? 10  LEU A HD22 1 
ATOM   172 H HD22 B LEU A 1 9 ? 1.71543   -1.20262 -8.98512 0.237 10.03192 ? 10  LEU A HD22 1 
ATOM   173 H HD23 A LEU A 1 9 ? 3.97649   -1.34538 -7.15482 0.763 6.72093  ? 10  LEU A HD23 1 
ATOM   174 H HD23 B LEU A 1 9 ? 3.29605   -1.34525 -9.05444 0.237 10.03192 ? 10  LEU A HD23 1 
HETATM 175 C C11  . I77 B 2 . ? 4.48933   7.95770  -5.25175 1.000 5.26502  ? 101 I77 A C11  1 
HETATM 176 C C12  . I77 B 2 . ? 3.54353   6.95812  -5.32116 1.000 5.25525  ? 101 I77 A C12  1 
HETATM 177 C C13  . I77 B 2 . ? 4.00053   5.53809  -5.59051 1.000 4.68653  ? 101 I77 A C13  1 
HETATM 178 C C17  . I77 B 2 . ? 2.19679   7.27722  -5.14601 1.000 5.92428  ? 101 I77 A C17  1 
HETATM 179 C C18  . I77 B 2 . ? 1.85475   8.59208  -4.93117 1.000 5.77900  ? 101 I77 A C18  1 
HETATM 180 C C02  . I77 B 2 . ? 1.29308   14.93028 -3.96657 1.000 4.12915  ? 101 I77 A C02  1 
HETATM 181 C C03  . I77 B 2 . ? 1.78967   13.52960 -4.24453 1.000 4.61939  ? 101 I77 A C03  1 
HETATM 182 C C04  . I77 B 2 . ? 3.14325   13.22353 -4.35232 1.000 4.98223  ? 101 I77 A C04  1 
HETATM 183 C C05  . I77 B 2 . ? 3.49104   11.91139 -4.56907 1.000 4.94461  ? 101 I77 A C05  1 
HETATM 184 C C06  . I77 B 2 . ? 0.84046   12.55096 -4.37163 1.000 5.66618  ? 101 I77 A C06  1 
HETATM 185 C C08  . I77 B 2 . ? 2.48547   10.97676 -4.66028 1.000 5.04018  ? 101 I77 A C08  1 
HETATM 186 C C09  . I77 B 2 . ? 2.85609   9.54395  -4.89433 1.000 5.26499  ? 101 I77 A C09  1 
HETATM 187 N N01  . I77 B 2 . ? 2.28710   15.92492 -3.83083 1.000 5.12921  ? 101 I77 A N01  1 
HETATM 188 N N07  . I77 B 2 . ? 1.20806   11.30736 -4.57875 1.000 6.00522  ? 101 I77 A N07  1 
HETATM 189 N N10  . I77 B 2 . ? 4.12780   9.20760  -5.03919 1.000 5.26945  ? 101 I77 A N10  1 
HETATM 190 N N14  . I77 B 2 . ? 3.22152   4.56497  -4.90002 1.000 4.63331  ? 101 I77 A N14  1 
HETATM 191 N N15  . I77 B 2 . ? 3.53052   3.22256  -5.03647 1.000 4.51267  ? 101 I77 A N15  1 
HETATM 192 O O16  . I77 B 2 . ? 4.88047   5.25742  -6.34443 1.000 5.49187  ? 101 I77 A O16  1 
HETATM 193 O O19  . I77 B 2 . ? 0.13310   15.18514 -3.84154 1.000 4.63433  ? 101 I77 A O19  1 
HETATM 194 H H111 . I77 B 2 . ? 5.53393   7.71574  -5.37227 1.000 6.32494  ? 101 I77 A H111 1 
HETATM 195 H H171 . I77 B 2 . ? 1.43199   6.50125  -5.17872 1.000 7.11605  ? 101 I77 A H171 1 
HETATM 196 H H181 . I77 B 2 . ? 0.81413   8.87787  -4.79263 1.000 6.94171  ? 101 I77 A H181 1 
HETATM 197 H H041 . I77 B 2 . ? 3.89235   13.98860 -4.26878 1.000 5.98560  ? 101 I77 A H041 1 
HETATM 198 H H051 . I77 B 2 . ? 4.52981   11.62061 -4.66555 1.000 5.94045  ? 101 I77 A H051 1 
HETATM 199 H H061 . I77 B 2 . ? -0.20880  12.80139 -4.30165 1.000 6.80633  ? 101 I77 A H061 1 
HETATM 200 H H011 . I77 B 2 . ? 3.25178   15.70053 -3.93558 1.000 6.16197  ? 101 I77 A H011 1 
HETATM 201 H H012 . I77 B 2 . ? 2.01256   16.87493 -3.64537 1.000 6.16197  ? 101 I77 A H012 1 
HETATM 202 H H141 . I77 B 2 . ? 2.45274   4.85116  -4.31770 1.000 5.56689  ? 101 I77 A H141 1 
HETATM 203 H H1   . I77 B 2 . ? 4.53384   3.11459  -5.04515 1.000 5.42212  ? 101 I77 A H1   1 
HETATM 204 C C1   . BNZ C 3 . ? 9.27682   5.00470  -6.18630 1.000 6.95272  ? 102 BNZ A C1   1 
HETATM 205 C C2   . BNZ C 3 . ? 8.00654   4.84713  -5.64979 1.000 7.32265  ? 102 BNZ A C2   1 
HETATM 206 C C3   . BNZ C 3 . ? 7.63798   3.63346  -5.07671 1.000 7.30391  ? 102 BNZ A C3   1 
HETATM 207 C C4   . BNZ C 3 . ? 8.53768   2.57850  -5.04165 1.000 7.15810  ? 102 BNZ A C4   1 
HETATM 208 C C5   . BNZ C 3 . ? 9.80603   2.74765  -5.57034 1.000 6.86139  ? 102 BNZ A C5   1 
HETATM 209 C C6   . BNZ C 3 . ? 10.17153  3.95372  -6.14695 1.000 6.81048  ? 102 BNZ A C6   1 
HETATM 210 H H1   . BNZ C 3 . ? 9.53229   5.84073  -6.58303 1.000 8.35018  ? 102 BNZ A H1   1 
HETATM 211 H H2   . BNZ C 3 . ? 7.38178   5.57561  -5.67398 1.000 8.79410  ? 102 BNZ A H2   1 
HETATM 212 H H3   . BNZ C 3 . ? 6.75937   3.52635  -4.70500 1.000 8.77161  ? 102 BNZ A H3   1 
HETATM 213 H H4   . BNZ C 3 . ? 8.28307   1.73796  -4.65400 1.000 8.59664  ? 102 BNZ A H4   1 
HETATM 214 H H5   . BNZ C 3 . ? 10.43663  2.02456  -5.53730 1.000 8.24059  ? 102 BNZ A H5   1 
HETATM 215 H H6   . BNZ C 3 . ? 11.04971  4.05883  -6.52024 1.000 8.17950  ? 102 BNZ A H6   1 
HETATM 216 C C1   . BNZ D 3 . ? 2.52067   4.85353  3.49809  1.000 14.47763 ? 103 BNZ A C1   1 
HETATM 217 C C2   . BNZ D 3 . ? 1.49434   5.14601  2.60821  1.000 14.61188 ? 103 BNZ A C2   1 
HETATM 218 C C3   . BNZ D 3 . ? 0.86192   6.37938  2.65985  1.000 14.72938 ? 103 BNZ A C3   1 
HETATM 219 C C4   . BNZ D 3 . ? 1.25505   7.32095  3.60398  1.000 14.73096 ? 103 BNZ A C4   1 
HETATM 220 C C5   . BNZ D 3 . ? 2.28181   7.02804  4.49510  1.000 14.67648 ? 103 BNZ A C5   1 
HETATM 221 C C6   . BNZ D 3 . ? 2.91669   5.79165  4.44047  1.000 14.54192 ? 103 BNZ A C6   1 
HETATM 222 H H1   . BNZ D 3 . ? 2.95724   3.99937  3.46071  1.000 17.38007 ? 103 BNZ A H1   1 
HETATM 223 H H2   . BNZ D 3 . ? 1.22295   4.49436  1.95760  1.000 17.54117 ? 103 BNZ A H2   1 
HETATM 224 H H3   . BNZ D 3 . ? 0.15370   6.58253  2.04444  1.000 17.68218 ? 103 BNZ A H3   1 
HETATM 225 H H4   . BNZ D 3 . ? 0.81719   8.17450  3.64091  1.000 17.68407 ? 103 BNZ A H4   1 
HETATM 226 H H5   . BNZ D 3 . ? 2.55212   7.67855  5.14731  1.000 17.61869 ? 103 BNZ A H5   1 
HETATM 227 H H6   . BNZ D 3 . ? 3.62707   5.58796  5.05323  1.000 17.45722 ? 103 BNZ A H6   1 
HETATM 228 C C1   A BNZ E 3 . ? -5.74388  13.12554 2.64212  0.504 15.29664 ? 104 BNZ A C1   1 
HETATM 229 C C1   B BNZ E 3 . ? -6.08581  5.68910  -2.34645 0.496 15.63125 ? 104 BNZ A C1   1 
HETATM 230 C C2   A BNZ E 3 . ? -5.80064  13.11765 4.03265  0.504 15.28670 ? 104 BNZ A C2   1 
HETATM 231 C C2   B BNZ E 3 . ? -5.71112  5.89552  -1.02355 0.496 15.67131 ? 104 BNZ A C2   1 
HETATM 232 C C3   A BNZ E 3 . ? -5.37628  11.99747 4.73918  0.504 15.38368 ? 104 BNZ A C3   1 
HETATM 233 C C3   B BNZ E 3 . ? -4.49047  5.41625  -0.56416 0.496 15.72332 ? 104 BNZ A C3   1 
HETATM 234 C C4   A BNZ E 3 . ? -4.89207  10.88671 4.05582  0.504 15.34851 ? 104 BNZ A C4   1 
HETATM 235 C C4   B BNZ E 3 . ? -3.64273  4.73069  -1.42600 0.496 15.74643 ? 104 BNZ A C4   1 
HETATM 236 C C5   A BNZ E 3 . ? -4.83715  10.89723 2.66668  0.504 15.37909 ? 104 BNZ A C5   1 
HETATM 237 C C5   B BNZ E 3 . ? -4.01478  4.52373  -2.74885 0.496 15.70317 ? 104 BNZ A C5   1 
HETATM 238 C C6   A BNZ E 3 . ? -5.26139  12.01580 1.95862  0.504 15.36514 ? 104 BNZ A C6   1 
HETATM 239 C C6   B BNZ E 3 . ? -5.23549  5.00326  -3.20936 0.496 15.70579 ? 104 BNZ A C6   1 
HETATM 240 H H1   A BNZ E 3 . ? -6.03832  13.89833 2.15457  0.504 18.36289 ? 104 BNZ A H1   1 
HETATM 241 H H1   B BNZ E 3 . ? -6.92948  6.01896  -2.66430 0.496 18.76441 ? 104 BNZ A H1   1 
HETATM 242 H H2   A BNZ E 3 . ? -6.13262  13.88526 4.50400  0.504 18.35095 ? 104 BNZ A H2   1 
HETATM 243 H H2   B BNZ E 3 . ? -6.29581  6.36921  -0.42744 0.496 18.81249 ? 104 BNZ A H2   1 
HETATM 244 H H3   A BNZ E 3 . ? -5.41750  11.99073 5.69827  0.504 18.46734 ? 104 BNZ A H3   1 
HETATM 245 H H3   B BNZ E 3 . ? -4.23246  5.55883  0.34947  0.496 18.87490 ? 104 BNZ A H3   1 
HETATM 246 H H4   A BNZ E 3 . ? -4.59626  10.11405 4.54276  0.504 18.42513 ? 104 BNZ A H4   1 
HETATM 247 H H4   B BNZ E 3 . ? -2.79972  4.39994  -1.10734 0.496 18.90263 ? 104 BNZ A H4   1 
HETATM 248 H H5   A BNZ E 3 . ? -4.50529  10.12976 2.19502  0.504 18.46182 ? 104 BNZ A H5   1 
HETATM 249 H H5   B BNZ E 3 . ? -3.42925  4.05001  -3.34411 0.496 18.85072 ? 104 BNZ A H5   1 
HETATM 250 H H6   A BNZ E 3 . ? -5.22116  12.02168 0.99948  0.504 18.44508 ? 104 BNZ A H6   1 
HETATM 251 H H6   B BNZ E 3 . ? -5.49244  4.86136  -4.12338 0.496 18.85386 ? 104 BNZ A H6   1 
HETATM 252 C C05  . I6W F 4 . ? -5.12590  4.65890  6.15516  1.000 6.59260  ? 105 I6W A C05  1 
HETATM 253 C C08  . I6W F 4 . ? -6.46261  4.67506  6.29624  1.000 6.25922  ? 105 I6W A C08  1 
HETATM 254 C C09  . I6W F 4 . ? -7.08119  6.03018  6.50836  1.000 6.55794  ? 105 I6W A C09  1 
HETATM 255 N N10  . I6W F 4 . ? -6.35243  7.13243  6.55222  1.000 7.84571  ? 105 I6W A N10  1 
HETATM 256 C C02  . I6W F 4 . ? -4.51275  1.01886  5.49394  1.000 5.00730  ? 105 I6W A C02  1 
HETATM 257 C C03  . I6W F 4 . ? -5.26274  2.31435  5.80485  1.000 5.77758  ? 105 I6W A C03  1 
HETATM 258 C C04  . I6W F 4 . ? -4.48811  3.45081  5.90993  1.000 6.78341  ? 105 I6W A C04  1 
HETATM 259 C C06  . I6W F 4 . ? -6.63683  2.38459  5.94032  1.000 5.52119  ? 105 I6W A C06  1 
HETATM 260 C C11  . I6W F 4 . ? -6.89341  8.32935  6.69289  1.000 7.84663  ? 105 I6W A C11  1 
HETATM 261 C C12  . I6W F 4 . ? -8.26261  8.43431  6.75314  1.000 7.28339  ? 105 I6W A C12  1 
HETATM 262 C C13  . I6W F 4 . ? -8.96511  9.79867  6.87585  1.000 8.02422  ? 105 I6W A C13  1 
HETATM 263 C C15  . I6W F 4 . ? -11.07107 10.91040 7.03637  1.000 7.47445  ? 105 I6W A C15  1 
HETATM 264 C C16  . I6W F 4 . ? -12.54650 10.53542 7.30318  1.000 8.06797  ? 105 I6W A C16  1 
HETATM 265 C C18  . I6W F 4 . ? -9.04128  7.29737  6.67080  1.000 6.42075  ? 105 I6W A C18  1 
HETATM 266 C C19  . I6W F 4 . ? -8.43553  6.07176  6.52630  1.000 5.78435  ? 105 I6W A C19  1 
HETATM 267 N N07  . I6W F 4 . ? -7.21083  3.56495  6.18123  1.000 5.94428  ? 105 I6W A N07  1 
HETATM 268 O O01  . I6W F 4 . ? -3.44794  1.07096  4.94856  1.000 4.98927  ? 105 I6W A O01  1 
HETATM 269 O O14  . I6W F 4 . ? -10.35469 9.67295  7.01585  1.000 7.52663  ? 105 I6W A O14  1 
HETATM 270 O O17  . I6W F 4 . ? -8.41564  10.83847 6.78796  1.000 9.02880  ? 105 I6W A O17  1 
HETATM 271 H H051 . I6W F 4 . ? -4.56281  5.56324  6.23080  1.000 7.91803  ? 105 I6W A H051 1 
HETATM 272 H H041 . I6W F 4 . ? -3.37467  3.39940  5.80021  1.000 8.14701  ? 105 I6W A H041 1 
HETATM 273 H H061 . I6W F 4 . ? -7.24273  1.48771  5.85147  1.000 6.63235  ? 105 I6W A H061 1 
HETATM 274 H H111 . I6W F 4 . ? -6.27992  9.19741  6.75845  1.000 9.42287  ? 105 I6W A H111 1 
HETATM 275 H H152 . I6W F 4 . ? -10.97741 11.41582 6.08313  1.000 8.97626  ? 105 I6W A H152 1 
HETATM 276 H H151 . I6W F 4 . ? -10.69623 11.54969 7.82611  1.000 8.97626  ? 105 I6W A H151 1 
HETATM 277 H H162 . I6W F 4 . ? -12.82164 9.66077  6.68471  1.000 9.68848  ? 105 I6W A H162 1 
HETATM 278 H H163 . I6W F 4 . ? -13.19675 11.39125 7.04243  1.000 9.68848  ? 105 I6W A H163 1 
HETATM 279 H H161 . I6W F 4 . ? -12.67532 10.28635 8.37304  1.000 9.68848  ? 105 I6W A H161 1 
HETATM 280 H H181 . I6W F 4 . ? -10.12777 7.36968  6.71983  1.000 7.71182  ? 105 I6W A H181 1 
HETATM 281 H H191 . I6W F 4 . ? -9.02565  5.16287  6.42933  1.000 6.94814  ? 105 I6W A H191 1 
HETATM 282 O O    . HOH G 5 . ? 4.36273   -2.96674 0.75294  1.000 9.32918  ? 201 HOH A O    1 
# 
loop_
_atom_site_anisotrop.id 
_atom_site_anisotrop.type_symbol 
_atom_site_anisotrop.pdbx_label_atom_id 
_atom_site_anisotrop.pdbx_label_alt_id 
_atom_site_anisotrop.pdbx_label_comp_id 
_atom_site_anisotrop.pdbx_label_asym_id 
_atom_site_anisotrop.pdbx_label_seq_id 
_atom_site_anisotrop.pdbx_PDB_ins_code 
_atom_site_anisotrop.U[1][1] 
_atom_site_anisotrop.U[2][2] 
_atom_site_anisotrop.U[3][3] 
_atom_site_anisotrop.U[1][2] 
_atom_site_anisotrop.U[1][3] 
_atom_site_anisotrop.U[2][3] 
_atom_site_anisotrop.pdbx_auth_seq_id 
_atom_site_anisotrop.pdbx_auth_comp_id 
_atom_site_anisotrop.pdbx_auth_asym_id 
_atom_site_anisotrop.pdbx_auth_atom_id 
1   N N   A LEU A 1 ? 0.03817 0.05748 0.07595 0.02089  0.00857  -0.00558 2   LEU A N   
2   N N   B LEU A 1 ? 0.04276 0.05523 0.08285 0.01319  0.00640  0.00000  2   LEU A N   
3   C CA  A LEU A 1 ? 0.02768 0.04588 0.07253 0.01007  0.00563  -0.00159 2   LEU A CA  
4   C CA  B LEU A 1 ? 0.03865 0.04555 0.08341 0.00150  -0.00236 0.00695  2   LEU A CA  
5   C C   A LEU A 1 ? 0.02542 0.03068 0.06999 0.01018  0.00132  0.00155  2   LEU A C   
6   C C   B LEU A 1 ? 0.02461 0.03192 0.07849 0.00314  -0.00555 0.00869  2   LEU A C   
7   O O   A LEU A 1 ? 0.03134 0.03186 0.06924 0.01282  0.00842  -0.00166 2   LEU A O   
8   O O   B LEU A 1 ? 0.02304 0.02969 0.08058 0.00048  -0.00864 0.01156  2   LEU A O   
9   C CB  A LEU A 1 ? 0.02197 0.04833 0.07499 0.00914  0.00263  -0.00350 2   LEU A CB  
10  C CB  B LEU A 1 ? 0.04481 0.04871 0.08997 -0.01149 -0.00445 0.00948  2   LEU A CB  
11  C CG  A LEU A 1 ? 0.03096 0.04545 0.08264 0.00482  0.00682  -0.00365 2   LEU A CG  
12  C CG  B LEU A 1 ? 0.05112 0.04776 0.09411 -0.02026 -0.00046 0.01262  2   LEU A CG  
13  C CD1 A LEU A 1 ? 0.03932 0.04507 0.09460 0.00522  0.00537  -0.00530 2   LEU A CD1 
14  C CD1 B LEU A 1 ? 0.05562 0.04748 0.09276 -0.02079 0.00511  0.01360  2   LEU A CD1 
15  C CD2 A LEU A 1 ? 0.03892 0.04427 0.09074 0.00187  0.01148  -0.00673 2   LEU A CD2 
16  C CD2 B LEU A 1 ? 0.05595 0.05327 0.10449 -0.01614 -0.00422 0.00955  2   LEU A CD2 
39  N N   . AIB A 2 ? 0.02456 0.03162 0.06941 0.00999  -0.00188 0.00140  3   AIB A N   
40  C CA  . AIB A 2 ? 0.02402 0.03067 0.06731 0.00934  0.00298  -0.00420 3   AIB A CA  
41  C C   . AIB A 2 ? 0.02872 0.02819 0.06576 0.01156  0.00130  -0.00437 3   AIB A C   
42  O O   . AIB A 2 ? 0.03147 0.02897 0.08038 0.00635  0.00863  -0.00999 3   AIB A O   
43  C CB1 . AIB A 2 ? 0.03303 0.02996 0.09139 0.00634  0.00047  -0.01227 3   AIB A CB1 
44  C CB2 . AIB A 2 ? 0.02645 0.03738 0.06949 0.01302  -0.00214 -0.00589 3   AIB A CB2 
52  N N   . ALA A 3 ? 0.03580 0.02781 0.07415 0.01211  0.00577  -0.00090 4   ALA A N   
53  C CA  . ALA A 3 ? 0.04394 0.02568 0.08451 0.00969  0.00701  0.00139  4   ALA A CA  
54  C C   . ALA A 3 ? 0.04551 0.02178 0.08217 0.00195  0.00541  -0.00626 4   ALA A C   
55  O O   . ALA A 3 ? 0.05090 0.02607 0.08482 -0.00114 0.01564  -0.00695 4   ALA A O   
56  C CB  . ALA A 3 ? 0.06361 0.02994 0.10468 0.01017  0.01166  -0.00025 4   ALA A CB  
62  N N   . AIB A 4 ? 0.04018 0.02605 0.07439 -0.00015 0.00187  -0.00693 5   AIB A N   
63  C CA  . AIB A 4 ? 0.03430 0.04203 0.08018 -0.00314 -0.00146 -0.01341 5   AIB A CA  
64  C C   . AIB A 4 ? 0.03093 0.04473 0.08577 0.00041  0.00492  -0.01043 5   AIB A C   
65  O O   . AIB A 4 ? 0.03186 0.06436 0.10990 -0.00132 0.00950  -0.02134 5   AIB A O   
66  C CB1 . AIB A 4 ? 0.05452 0.04793 0.09737 -0.01230 -0.00110 -0.02451 5   AIB A CB1 
67  C CB2 . AIB A 4 ? 0.04263 0.05113 0.07402 0.00744  -0.00020 -0.00834 5   AIB A CB2 
75  N N   . LEU A 5 ? 0.02774 0.03265 0.08761 0.00708  0.00336  -0.00607 6   LEU A N   
76  C CA  . LEU A 5 ? 0.03588 0.03797 0.09734 0.01066  0.00437  -0.01022 6   LEU A CA  
77  C C   . LEU A 5 ? 0.03385 0.04349 0.09334 0.00757  0.00712  -0.02059 6   LEU A C   
78  O O   . LEU A 5 ? 0.03929 0.05441 0.09782 0.01217  0.00864  -0.02304 6   LEU A O   
79  C CB  . LEU A 5 ? 0.05595 0.03819 0.12122 0.01083  0.01027  -0.01047 6   LEU A CB  
80  C CG  . LEU A 5 ? 0.08801 0.03952 0.13940 0.00915  0.02223  -0.00539 6   LEU A CG  
81  C CD1 . LEU A 5 ? 0.09675 0.04334 0.16045 0.00868  0.02230  0.00075  6   LEU A CD1 
82  C CD2 . LEU A 5 ? 0.10493 0.03876 0.14363 0.01156  0.00918  -0.00473 6   LEU A CD2 
94  N N   . AIB A 6 ? 0.03181 0.04670 0.08423 0.00451  0.00851  -0.02371 7   AIB A N   
95  C CA  . AIB A 6 ? 0.03366 0.05606 0.07805 0.00358  0.00375  -0.02430 7   AIB A CA  
96  C C   . AIB A 6 ? 0.03264 0.05147 0.06516 0.00643  0.00343  -0.01646 7   AIB A C   
97  O O   . AIB A 6 ? 0.03821 0.05764 0.07204 0.01233  0.00129  -0.01117 7   AIB A O   
98  C CB1 . AIB A 6 ? 0.05382 0.06205 0.09071 -0.00350 0.00781  -0.03118 7   AIB A CB1 
99  C CB2 . AIB A 6 ? 0.03386 0.06089 0.08062 0.00725  -0.00219 -0.01785 7   AIB A CB2 
107 N N   . GLN A 7 ? 0.03313 0.04364 0.06441 0.00274  0.00287  -0.01321 8   GLN A N   
108 C CA  . GLN A 7 ? 0.03216 0.03195 0.06287 0.00824  0.00104  -0.00382 8   GLN A CA  
109 C C   . GLN A 7 ? 0.03779 0.02005 0.05787 0.00838  0.00031  0.00208  8   GLN A C   
110 O O   . GLN A 7 ? 0.04628 0.01800 0.06140 0.00447  0.00717  -0.00016 8   GLN A O   
111 C CB  . GLN A 7 ? 0.03038 0.03369 0.06619 0.00811  0.00017  -0.00715 8   GLN A CB  
112 C CG  . GLN A 7 ? 0.03577 0.03278 0.06139 0.00113  0.00205  -0.00464 8   GLN A CG  
113 C CD  . GLN A 7 ? 0.02825 0.03750 0.05931 0.00201  0.00259  0.00006  8   GLN A CD  
114 O OE1 . GLN A 7 ? 0.03693 0.03515 0.06640 -0.00089 0.00196  -0.00318 8   GLN A OE1 
115 N NE2 . GLN A 7 ? 0.04281 0.05393 0.06727 -0.00570 0.00537  0.00187  8   GLN A NE2 
124 N N   . AIB A 8 ? 0.03890 0.02048 0.06610 0.00706  0.00170  0.00366  9   AIB A N   
125 C CA  . AIB A 8 ? 0.04519 0.02327 0.07369 0.01131  0.00133  -0.00110 9   AIB A CA  
126 C C   . AIB A 8 ? 0.05368 0.02426 0.06794 0.01020  0.01183  -0.00745 9   AIB A C   
127 O O   . AIB A 8 ? 0.06710 0.04426 0.08874 0.01855  0.02372  -0.00418 9   AIB A O   
128 C CB1 . AIB A 8 ? 0.03945 0.03154 0.08970 0.01195  0.00532  -0.00208 9   AIB A CB1 
129 C CB2 . AIB A 8 ? 0.05285 0.02385 0.08252 0.01005  0.00171  -0.00129 9   AIB A CB2 
137 N N   A LEU A 9 ? 0.04860 0.01875 0.05442 0.00836  0.00696  -0.00480 10  LEU A N   
138 N N   B LEU A 9 ? 0.07214 0.02612 0.07836 0.00845  0.00468  -0.00406 10  LEU A N   
139 C CA  A LEU A 9 ? 0.05841 0.01849 0.05253 0.00841  0.00510  -0.00609 10  LEU A CA  
140 C CA  B LEU A 9 ? 0.09244 0.02933 0.09026 0.00717  -0.00092 -0.00178 10  LEU A CA  
141 C C   A LEU A 9 ? 0.06557 0.02456 0.05949 0.01468  0.00773  -0.00388 10  LEU A C   
142 C C   B LEU A 9 ? 0.08787 0.02903 0.07963 0.00953  0.00111  0.00013  10  LEU A C   
143 O O   A LEU A 9 ? 0.07298 0.02566 0.06090 0.01696  -0.00085 0.00033  10  LEU A O   
144 O O   B LEU A 9 ? 0.09114 0.03031 0.07935 0.00860  0.00383  0.00391  10  LEU A O   
145 C CB  A LEU A 9 ? 0.05514 0.02375 0.05545 0.00777  0.00842  -0.01281 10  LEU A CB  
146 C CB  B LEU A 9 ? 0.11319 0.03537 0.11201 0.00597  -0.00095 -0.00396 10  LEU A CB  
147 C CG  A LEU A 9 ? 0.05698 0.02809 0.07808 0.00297  0.01567  -0.01521 10  LEU A CG  
148 C CG  B LEU A 9 ? 0.13048 0.03930 0.13016 0.00584  -0.00014 -0.00390 10  LEU A CG  
149 C CD1 A LEU A 9 ? 0.06244 0.03258 0.08598 0.00343  0.00046  -0.01762 10  LEU A CD1 
150 C CD1 B LEU A 9 ? 0.13531 0.04051 0.13531 0.00460  -0.00091 -0.00408 10  LEU A CD1 
151 C CD2 A LEU A 9 ? 0.07017 0.03826 0.10415 0.00069  0.02165  -0.02246 10  LEU A CD2 
152 C CD2 B LEU A 9 ? 0.13697 0.04328 0.13717 0.00754  0.00292  -0.00309 10  LEU A CD2 
175 C C11 . I77 B . ? 0.07918 0.03347 0.08740 0.02433  -0.00278 0.00480  101 I77 A C11 
176 C C12 . I77 B . ? 0.07886 0.03005 0.09076 0.01835  -0.00046 0.00063  101 I77 A C12 
177 C C13 . I77 B . ? 0.06497 0.02862 0.08447 0.01782  0.00321  0.00131  101 I77 A C13 
178 C C17 . I77 B . ? 0.08274 0.03632 0.10603 0.02332  0.00144  -0.00238 101 I77 A C17 
179 C C18 . I77 B . ? 0.07587 0.03923 0.10448 0.02531  0.00149  -0.00311 101 I77 A C18 
180 C C02 . I77 B . ? 0.05644 0.02967 0.07078 0.01971  0.00603  -0.00468 101 I77 A C02 
181 C C03 . I77 B . ? 0.06596 0.03308 0.07648 0.02465  0.00116  -0.00211 101 I77 A C03 
182 C C04 . I77 B . ? 0.07104 0.03833 0.07993 0.02802  0.00347  -0.00361 101 I77 A C04 
183 C C05 . I77 B . ? 0.06771 0.03879 0.08137 0.02829  0.00232  -0.00265 101 I77 A C05 
184 C C06 . I77 B . ? 0.07649 0.03921 0.09959 0.02676  0.00072  -0.00430 101 I77 A C06 
185 C C08 . I77 B . ? 0.07549 0.03574 0.08027 0.02669  0.00014  -0.00243 101 I77 A C08 
186 C C09 . I77 B . ? 0.07935 0.03290 0.08778 0.02401  -0.00193 -0.00072 101 I77 A C09 
187 N N01 . I77 B . ? 0.06387 0.03336 0.09766 0.01796  0.00576  -0.00325 101 I77 A N01 
188 N N07 . I77 B . ? 0.08190 0.03819 0.10808 0.02467  -0.00028 -0.00207 101 I77 A N07 
189 N N10 . I77 B . ? 0.08081 0.03500 0.08441 0.02524  -0.00598 -0.00032 101 I77 A N10 
190 N N14 . I77 B . ? 0.06642 0.03019 0.07943 0.02031  0.00626  0.00212  101 I77 A N14 
191 N N15 . I77 B . ? 0.07225 0.02798 0.07125 0.01926  0.00639  -0.00029 101 I77 A N15 
192 O O16 . I77 B . ? 0.06560 0.03727 0.10580 0.01693  0.01664  -0.00339 101 I77 A O16 
193 O O19 . I77 B . ? 0.05934 0.03577 0.08099 0.02278  0.00345  -0.00824 101 I77 A O19 
204 C C1  . BNZ C . ? 0.07675 0.09489 0.09254 0.02521  0.00219  -0.01692 102 BNZ A C1  
205 C C2  . BNZ C . ? 0.07845 0.09676 0.10302 0.02834  -0.00298 -0.02590 102 BNZ A C2  
206 C C3  . BNZ C . ? 0.07284 0.09394 0.11074 0.01902  -0.00044 -0.03545 102 BNZ A C3  
207 C C4  . BNZ C . ? 0.06673 0.08795 0.11730 0.00920  0.00118  -0.03922 102 BNZ A C4  
208 C C5  . BNZ C . ? 0.05862 0.08788 0.11420 0.01240  -0.00541 -0.03512 102 BNZ A C5  
209 C C6  . BNZ C . ? 0.06618 0.09119 0.10141 0.01841  -0.00478 -0.02380 102 BNZ A C6  
216 C C1  . BNZ D . ? 0.13150 0.12469 0.29390 -0.00259 0.07114  -0.06701 103 BNZ A C1  
217 C C2  . BNZ D . ? 0.13421 0.12703 0.29394 0.00008  0.07184  -0.06617 103 BNZ A C2  
218 C C3  . BNZ D . ? 0.13828 0.12682 0.29454 0.00056  0.07338  -0.06603 103 BNZ A C3  
219 C C4  . BNZ D . ? 0.13869 0.12638 0.29465 0.00036  0.07310  -0.06641 103 BNZ A C4  
220 C C5  . BNZ D . ? 0.13678 0.12454 0.29631 -0.00270 0.07234  -0.06825 103 BNZ A C5  
221 C C6  . BNZ D . ? 0.13305 0.12421 0.29527 -0.00369 0.07124  -0.06848 103 BNZ A C6  
228 C C1  A BNZ E . ? 0.10826 0.17177 0.30118 0.03168  0.06468  0.05201  104 BNZ A C1  
229 C C1  B BNZ E . ? 0.13486 0.13015 0.32891 0.00821  0.03422  0.09191  104 BNZ A C1  
230 C C2  A BNZ E . ? 0.10725 0.17172 0.30186 0.03128  0.06323  0.05217  104 BNZ A C2  
231 C C2  B BNZ E . ? 0.13559 0.13037 0.32947 0.00824  0.03412  0.09101  104 BNZ A C2  
232 C C3  A BNZ E . ? 0.10864 0.17128 0.30459 0.03050  0.06113  0.05243  104 BNZ A C3  
233 C C3  B BNZ E . ? 0.13550 0.13141 0.33049 0.00868  0.03369  0.08962  104 BNZ A C3  
234 C C4  A BNZ E . ? 0.10708 0.17098 0.30512 0.03087  0.06159  0.05248  104 BNZ A C4  
235 C C4  B BNZ E . ? 0.13479 0.13256 0.33095 0.00922  0.03392  0.08857  104 BNZ A C4  
236 C C5  A BNZ E . ? 0.10796 0.17135 0.30502 0.03159  0.06327  0.05187  104 BNZ A C5  
237 C C5  B BNZ E . ? 0.13425 0.13208 0.33034 0.00924  0.03368  0.08947  104 BNZ A C5  
238 C C6  A BNZ E . ? 0.10853 0.17176 0.30352 0.03208  0.06425  0.05132  104 BNZ A C6  
239 C C6  B BNZ E . ? 0.13601 0.13089 0.32984 0.00829  0.03409  0.09077  104 BNZ A C6  
252 C C05 . I6W F . ? 0.10029 0.04478 0.10542 0.01170  0.02490  -0.01401 105 I6W A C05 
253 C C08 . I6W F . ? 0.10186 0.04661 0.08935 0.01902  0.02195  -0.00743 105 I6W A C08 
254 C C09 . I6W F . ? 0.10205 0.05150 0.09561 0.02355  0.02366  -0.01002 105 I6W A C09 
255 N N10 . I6W F . ? 0.11385 0.05802 0.12624 0.02196  0.02973  -0.01354 105 I6W A N10 
256 C C02 . I6W F . ? 0.05694 0.05163 0.08169 0.01729  0.00737  -0.00602 105 I6W A C02 
257 C C03 . I6W F . ? 0.08254 0.05220 0.08478 0.01592  0.01466  -0.00567 105 I6W A C03 
258 C C04 . I6W F . ? 0.10136 0.04800 0.10838 0.00992  0.01957  -0.01313 105 I6W A C04 
259 C C06 . I6W F . ? 0.08067 0.05134 0.07776 0.02626  0.01325  -0.00841 105 I6W A C06 
260 C C11 . I6W F . ? 0.11990 0.05566 0.12258 0.02125  0.03699  -0.01354 105 I6W A C11 
261 C C12 . I6W F . ? 0.11928 0.05427 0.10320 0.02585  0.03443  -0.01062 105 I6W A C12 
262 C C13 . I6W F . ? 0.13561 0.05414 0.11513 0.02741  0.03560  -0.00669 105 I6W A C13 
263 C C15 . I6W F . ? 0.13721 0.05914 0.08764 0.03413  0.02799  -0.00777 105 I6W A C15 
264 C C16 . I6W F . ? 0.13654 0.05909 0.11091 0.03893  0.01251  -0.01430 105 I6W A C16 
265 C C18 . I6W F . ? 0.10297 0.05286 0.08813 0.02896  0.02415  -0.01216 105 I6W A C18 
266 C C19 . I6W F . ? 0.09281 0.04983 0.07713 0.02860  0.01486  -0.01248 105 I6W A C19 
267 N N07 . I6W F . ? 0.09848 0.04921 0.07816 0.02409  0.00867  -0.00386 105 I6W A N07 
268 O O01 . I6W F . ? 0.06233 0.04221 0.08503 0.01880  0.00900  -0.00946 105 I6W A O01 
269 O O14 . I6W F . ? 0.13492 0.05661 0.09445 0.03285  0.02804  -0.00755 105 I6W A O14 
270 O O17 . I6W F . ? 0.14121 0.05565 0.14620 0.02615  0.03790  -0.00455 105 I6W A O17 
282 O O   . HOH G . ? 0.10220 0.08182 0.17045 0.03949  -0.02787 0.00590  201 HOH A O   
# 
